data_3QTP
#
_entry.id   3QTP
#
_cell.length_a   64.420
_cell.length_b   92.620
_cell.length_c   160.580
_cell.angle_alpha   90.00
_cell.angle_beta   90.00
_cell.angle_gamma   90.00
#
_symmetry.space_group_name_H-M   'P 21 21 21'
#
loop_
_entity.id
_entity.type
_entity.pdbx_description
1 polymer 'Enolase 1'
2 non-polymer '2-PHOSPHOGLYCERIC ACID'
3 non-polymer 'SULFATE ION'
4 non-polymer 'MAGNESIUM ION'
5 water water
#
_entity_poly.entity_id   1
_entity_poly.type   'polypeptide(L)'
_entity_poly.pdbx_seq_one_letter_code
;GPLGSMSIQKVHAREILDSRGNPTIEVEITTGKGMFRSCVPSGASTGVHEAVELRDGDKKRYGGKGVLKAVENVNTIIGP
ALLGKNVLNQAELDEMMIKLDGTNNKGKLGANAILGCSMSICRAAAAEKGLPLYKYLAELTGHKEMTMPVPCFNVINGGA
HAGNALAMQEFMICPTGATNFHEALRMAAETYQCLKVVIKAKYGQDATNVGDEGGFAPNVSGAREALDLLVEAIAKAGYT
GKIEIAMDCAASEFYNEETKKYDLGKKIPADKKDPSLVKDVDGLIAEYVDYGKHYPIASIEDPFAEDDWAAWNKFTVEHG
NFQIVGDDLLVTNPARVQMAMDKNACNSVLIKVNQIGTLTETFKTIKMAQEKGWGVMASHRSGETEDTFIADLVVGLNCK
QIKTGAPCRSERLCKYNQLMRIEEELGNIPYAGKNWRNSTA
;
_entity_poly.pdbx_strand_id   A,B
#
loop_
_chem_comp.id
_chem_comp.type
_chem_comp.name
_chem_comp.formula
2PG non-polymer '2-PHOSPHOGLYCERIC ACID' 'C3 H7 O7 P'
MG non-polymer 'MAGNESIUM ION' 'Mg 2'
SO4 non-polymer 'SULFATE ION' 'O4 S -2'
#
# COMPACT_ATOMS: atom_id res chain seq x y z
N GLY A 4 -11.97 -28.96 21.02
CA GLY A 4 -10.75 -28.36 21.58
C GLY A 4 -10.40 -27.06 20.89
N SER A 5 -9.39 -26.35 21.40
CA SER A 5 -9.03 -25.06 20.81
C SER A 5 -8.38 -25.17 19.44
N MET A 6 -7.99 -26.39 19.05
CA MET A 6 -7.37 -26.60 17.75
C MET A 6 -8.38 -26.83 16.63
N SER A 7 -9.65 -27.00 16.99
CA SER A 7 -10.67 -27.38 16.01
C SER A 7 -11.23 -26.18 15.29
N ILE A 8 -11.37 -26.30 13.96
CA ILE A 8 -11.99 -25.25 13.15
C ILE A 8 -13.48 -25.09 13.48
N GLN A 9 -13.88 -23.92 13.95
CA GLN A 9 -15.27 -23.66 14.32
C GLN A 9 -16.05 -22.85 13.28
N LYS A 10 -15.32 -22.11 12.45
CA LYS A 10 -15.95 -21.21 11.48
C LYS A 10 -14.98 -20.92 10.35
N VAL A 11 -15.49 -20.94 9.12
CA VAL A 11 -14.71 -20.56 7.93
C VAL A 11 -15.54 -19.58 7.13
N HIS A 12 -14.99 -18.39 6.89
CA HIS A 12 -15.72 -17.36 6.17
C HIS A 12 -14.80 -16.52 5.29
N ALA A 13 -15.18 -16.38 4.02
CA ALA A 13 -14.42 -15.58 3.09
C ALA A 13 -15.25 -14.39 2.63
N ARG A 14 -14.56 -13.35 2.15
CA ARG A 14 -15.23 -12.20 1.54
C ARG A 14 -14.33 -11.63 0.45
N GLU A 15 -14.90 -10.80 -0.42
CA GLU A 15 -14.17 -10.14 -1.49
C GLU A 15 -13.61 -8.80 -1.01
N ILE A 16 -12.31 -8.59 -1.17
CA ILE A 16 -11.67 -7.30 -0.85
C ILE A 16 -11.00 -6.78 -2.12
N LEU A 17 -10.36 -5.60 -2.05
CA LEU A 17 -9.58 -5.11 -3.20
C LEU A 17 -8.09 -5.23 -2.93
N ASP A 18 -7.35 -5.66 -3.96
CA ASP A 18 -5.90 -5.72 -3.87
C ASP A 18 -5.27 -4.36 -4.19
N SER A 19 -3.94 -4.29 -4.19
CA SER A 19 -3.23 -3.03 -4.29
C SER A 19 -3.39 -2.33 -5.66
N ARG A 20 -3.88 -3.06 -6.67
CA ARG A 20 -4.13 -2.47 -7.98
C ARG A 20 -5.60 -2.08 -8.14
N GLY A 21 -6.40 -2.32 -7.12
CA GLY A 21 -7.80 -1.97 -7.13
C GLY A 21 -8.71 -3.07 -7.63
N ASN A 22 -8.16 -4.27 -7.82
CA ASN A 22 -8.95 -5.40 -8.34
C ASN A 22 -9.38 -6.34 -7.23
N PRO A 23 -10.52 -7.01 -7.40
CA PRO A 23 -10.96 -7.91 -6.34
C PRO A 23 -9.99 -9.05 -6.03
N THR A 24 -9.94 -9.41 -4.76
CA THR A 24 -9.32 -10.66 -4.38
C THR A 24 -10.05 -11.17 -3.14
N ILE A 25 -9.60 -12.31 -2.63
CA ILE A 25 -10.33 -12.98 -1.56
C ILE A 25 -9.54 -12.94 -0.26
N GLU A 26 -10.25 -12.78 0.85
CA GLU A 26 -9.63 -13.02 2.14
C GLU A 26 -10.43 -14.05 2.89
N VAL A 27 -9.75 -14.86 3.69
CA VAL A 27 -10.40 -15.98 4.34
C VAL A 27 -10.12 -15.89 5.83
N GLU A 28 -11.17 -16.09 6.63
CA GLU A 28 -11.04 -16.08 8.08
C GLU A 28 -11.39 -17.46 8.64
N ILE A 29 -10.52 -17.98 9.48
CA ILE A 29 -10.79 -19.23 10.15
C ILE A 29 -10.79 -18.99 11.64
N THR A 30 -11.83 -19.49 12.31
CA THR A 30 -11.96 -19.28 13.74
C THR A 30 -11.81 -20.60 14.49
N THR A 31 -10.98 -20.57 15.54
CA THR A 31 -10.82 -21.70 16.44
C THR A 31 -10.99 -21.18 17.86
N GLY A 32 -10.68 -22.01 18.85
CA GLY A 32 -10.71 -21.58 20.24
C GLY A 32 -9.71 -20.48 20.52
N LYS A 33 -8.69 -20.37 19.67
CA LYS A 33 -7.65 -19.36 19.86
C LYS A 33 -8.04 -18.00 19.29
N GLY A 34 -9.09 -17.95 18.49
CA GLY A 34 -9.55 -16.70 17.93
C GLY A 34 -9.77 -16.78 16.43
N MET A 35 -9.80 -15.61 15.77
CA MET A 35 -10.08 -15.55 14.35
C MET A 35 -8.79 -15.22 13.63
N PHE A 36 -8.51 -15.96 12.56
CA PHE A 36 -7.28 -15.79 11.83
C PHE A 36 -7.59 -15.43 10.39
N ARG A 37 -7.09 -14.29 9.95
CA ARG A 37 -7.40 -13.76 8.61
C ARG A 37 -6.19 -13.86 7.67
N SER A 38 -6.45 -14.28 6.44
CA SER A 38 -5.41 -14.24 5.41
C SER A 38 -5.97 -13.62 4.14
N CYS A 39 -5.18 -12.71 3.53
CA CYS A 39 -5.54 -12.11 2.26
C CYS A 39 -4.68 -12.72 1.15
N VAL A 40 -5.29 -13.03 0.01
CA VAL A 40 -4.60 -13.70 -1.10
C VAL A 40 -4.24 -12.71 -2.19
N PRO A 41 -2.97 -12.72 -2.65
CA PRO A 41 -2.60 -11.79 -3.71
C PRO A 41 -3.20 -12.26 -5.04
N SER A 42 -3.23 -11.39 -6.05
CA SER A 42 -3.89 -11.77 -7.29
C SER A 42 -2.91 -12.57 -8.13
N GLY A 43 -3.44 -13.45 -8.97
CA GLY A 43 -2.61 -14.32 -9.79
C GLY A 43 -3.28 -14.52 -11.13
N ALA A 44 -2.87 -15.56 -11.85
CA ALA A 44 -3.42 -15.82 -13.17
C ALA A 44 -4.67 -16.70 -13.05
N SER A 45 -5.66 -16.46 -13.91
CA SER A 45 -6.85 -17.30 -13.97
C SER A 45 -6.75 -18.28 -15.15
N THR A 46 -5.68 -18.12 -15.94
CA THR A 46 -5.41 -18.99 -17.08
C THR A 46 -3.91 -19.31 -17.16
N GLY A 47 -3.55 -20.26 -18.02
CA GLY A 47 -2.15 -20.61 -18.19
C GLY A 47 -1.93 -22.11 -18.19
N VAL A 48 -0.77 -22.55 -18.68
CA VAL A 48 -0.60 -23.98 -18.93
C VAL A 48 0.01 -24.80 -17.79
N HIS A 49 0.74 -24.16 -16.87
CA HIS A 49 1.43 -24.93 -15.83
C HIS A 49 1.09 -24.55 -14.39
N GLU A 50 0.71 -23.30 -14.15
CA GLU A 50 0.51 -22.83 -12.78
C GLU A 50 -0.90 -23.10 -12.26
N ALA A 51 -1.06 -23.08 -10.93
CA ALA A 51 -2.38 -23.15 -10.34
C ALA A 51 -3.14 -21.90 -10.77
N VAL A 52 -4.42 -22.04 -11.06
CA VAL A 52 -5.17 -20.84 -11.49
C VAL A 52 -6.20 -20.36 -10.47
N GLU A 53 -6.26 -19.06 -10.26
CA GLU A 53 -7.29 -18.49 -9.39
C GLU A 53 -8.61 -18.48 -10.14
N LEU A 54 -9.71 -18.45 -9.42
CA LEU A 54 -11.02 -18.41 -10.04
C LEU A 54 -11.55 -16.99 -10.05
N ARG A 55 -11.90 -16.49 -11.23
CA ARG A 55 -12.52 -15.19 -11.36
C ARG A 55 -13.95 -15.37 -11.88
N ASP A 56 -14.81 -14.37 -11.67
CA ASP A 56 -16.22 -14.54 -12.01
C ASP A 56 -16.52 -14.39 -13.51
N GLY A 57 -15.80 -13.49 -14.16
CA GLY A 57 -15.96 -13.26 -15.58
C GLY A 57 -17.26 -12.54 -15.94
N ASP A 58 -17.83 -11.84 -14.97
CA ASP A 58 -19.00 -11.00 -15.21
C ASP A 58 -18.49 -9.65 -15.68
N LYS A 59 -18.56 -9.42 -17.00
CA LYS A 59 -18.02 -8.20 -17.61
C LYS A 59 -18.58 -6.91 -17.02
N LYS A 60 -19.78 -6.97 -16.45
CA LYS A 60 -20.43 -5.79 -15.91
C LYS A 60 -20.02 -5.52 -14.47
N ARG A 61 -19.17 -6.38 -13.90
CA ARG A 61 -18.79 -6.19 -12.51
C ARG A 61 -17.28 -6.29 -12.36
N TYR A 62 -16.66 -5.19 -11.94
CA TYR A 62 -15.21 -5.15 -11.77
C TYR A 62 -14.48 -5.63 -13.04
N GLY A 63 -15.05 -5.30 -14.19
CA GLY A 63 -14.48 -5.69 -15.46
C GLY A 63 -14.24 -7.19 -15.62
N GLY A 64 -15.11 -7.99 -15.01
CA GLY A 64 -14.98 -9.44 -15.09
C GLY A 64 -14.05 -10.03 -14.03
N LYS A 65 -13.52 -9.21 -13.13
CA LYS A 65 -12.48 -9.68 -12.21
C LYS A 65 -12.97 -9.95 -10.78
N GLY A 66 -14.28 -10.05 -10.60
CA GLY A 66 -14.82 -10.33 -9.28
C GLY A 66 -14.41 -11.73 -8.82
N VAL A 67 -14.44 -11.98 -7.53
CA VAL A 67 -14.14 -13.31 -7.00
C VAL A 67 -15.26 -13.83 -6.11
N LEU A 68 -16.50 -13.44 -6.42
CA LEU A 68 -17.65 -13.92 -5.67
C LEU A 68 -17.77 -15.45 -5.70
N LYS A 69 -17.39 -16.06 -6.82
CA LYS A 69 -17.46 -17.54 -6.95
C LYS A 69 -16.45 -18.23 -6.04
N ALA A 70 -15.22 -17.74 -6.04
CA ALA A 70 -14.22 -18.24 -5.11
C ALA A 70 -14.69 -18.08 -3.68
N VAL A 71 -15.28 -16.92 -3.37
CA VAL A 71 -15.79 -16.67 -2.04
C VAL A 71 -16.89 -17.67 -1.70
N GLU A 72 -17.81 -17.89 -2.63
CA GLU A 72 -18.86 -18.89 -2.42
C GLU A 72 -18.28 -20.29 -2.21
N ASN A 73 -17.25 -20.63 -2.98
CA ASN A 73 -16.59 -21.92 -2.82
C ASN A 73 -16.03 -22.10 -1.41
N VAL A 74 -15.39 -21.07 -0.87
CA VAL A 74 -14.88 -21.17 0.50
C VAL A 74 -16.04 -21.35 1.50
N ASN A 75 -17.04 -20.50 1.39
CA ASN A 75 -18.14 -20.44 2.34
C ASN A 75 -19.06 -21.67 2.33
N THR A 76 -19.23 -22.28 1.16
CA THR A 76 -20.23 -23.32 1.01
C THR A 76 -19.68 -24.70 0.67
N ILE A 77 -18.44 -24.77 0.20
CA ILE A 77 -17.86 -26.07 -0.16
C ILE A 77 -16.64 -26.43 0.69
N ILE A 78 -15.63 -25.57 0.69
CA ILE A 78 -14.41 -25.87 1.43
C ILE A 78 -14.62 -25.74 2.95
N GLY A 79 -15.29 -24.67 3.34
CA GLY A 79 -15.58 -24.41 4.74
C GLY A 79 -16.22 -25.58 5.47
N PRO A 80 -17.30 -26.14 4.91
CA PRO A 80 -17.93 -27.27 5.59
C PRO A 80 -17.01 -28.49 5.65
N ALA A 81 -16.14 -28.67 4.65
CA ALA A 81 -15.21 -29.79 4.65
C ALA A 81 -14.11 -29.59 5.68
N LEU A 82 -13.94 -28.35 6.14
CA LEU A 82 -12.91 -28.01 7.12
C LEU A 82 -13.44 -28.04 8.56
N LEU A 83 -14.74 -27.84 8.72
CA LEU A 83 -15.32 -27.69 10.05
C LEU A 83 -14.90 -28.85 10.96
N GLY A 84 -14.47 -28.52 12.17
CA GLY A 84 -14.16 -29.52 13.17
C GLY A 84 -12.77 -30.12 13.01
N LYS A 85 -12.10 -29.82 11.90
CA LYS A 85 -10.77 -30.37 11.65
C LYS A 85 -9.70 -29.73 12.54
N ASN A 86 -8.59 -30.43 12.71
CA ASN A 86 -7.51 -29.99 13.58
C ASN A 86 -6.53 -29.11 12.78
N VAL A 87 -6.41 -27.83 13.15
CA VAL A 87 -5.57 -26.91 12.35
C VAL A 87 -4.08 -27.32 12.29
N LEU A 88 -3.63 -28.09 13.27
CA LEU A 88 -2.23 -28.55 13.33
C LEU A 88 -1.87 -29.48 12.17
N ASN A 89 -2.86 -30.09 11.56
CA ASN A 89 -2.62 -31.05 10.47
C ASN A 89 -2.55 -30.38 9.09
N GLN A 90 -1.55 -29.53 8.90
CA GLN A 90 -1.43 -28.76 7.67
C GLN A 90 -1.50 -29.63 6.41
N ALA A 91 -0.64 -30.65 6.35
CA ALA A 91 -0.53 -31.46 5.13
C ALA A 91 -1.83 -32.19 4.84
N GLU A 92 -2.48 -32.68 5.89
CA GLU A 92 -3.72 -33.44 5.75
C GLU A 92 -4.81 -32.54 5.20
N LEU A 93 -4.89 -31.32 5.74
CA LEU A 93 -5.95 -30.39 5.32
C LEU A 93 -5.70 -29.86 3.92
N ASP A 94 -4.44 -29.53 3.61
CA ASP A 94 -4.11 -29.09 2.26
C ASP A 94 -4.43 -30.19 1.25
N GLU A 95 -4.07 -31.42 1.58
CA GLU A 95 -4.33 -32.52 0.66
CA GLU A 95 -4.35 -32.56 0.69
C GLU A 95 -5.83 -32.78 0.53
N MET A 96 -6.57 -32.57 1.62
CA MET A 96 -8.03 -32.70 1.58
C MET A 96 -8.63 -31.69 0.60
N MET A 97 -8.18 -30.44 0.68
CA MET A 97 -8.65 -29.40 -0.24
C MET A 97 -8.25 -29.70 -1.68
N ILE A 98 -7.01 -30.16 -1.87
CA ILE A 98 -6.59 -30.53 -3.21
C ILE A 98 -7.51 -31.60 -3.79
N LYS A 99 -7.87 -32.59 -2.98
CA LYS A 99 -8.73 -33.67 -3.49
C LYS A 99 -10.16 -33.17 -3.72
N LEU A 100 -10.62 -32.29 -2.86
CA LEU A 100 -11.94 -31.69 -2.97
C LEU A 100 -12.09 -30.93 -4.28
N ASP A 101 -11.05 -30.21 -4.67
CA ASP A 101 -11.07 -29.51 -5.95
C ASP A 101 -10.99 -30.49 -7.11
N GLY A 102 -10.07 -31.44 -7.00
CA GLY A 102 -10.02 -32.57 -7.92
C GLY A 102 -9.35 -32.30 -9.26
N THR A 103 -8.80 -31.10 -9.43
CA THR A 103 -8.12 -30.77 -10.68
C THR A 103 -6.66 -30.45 -10.40
N ASN A 104 -5.80 -30.72 -11.38
CA ASN A 104 -4.36 -30.51 -11.20
C ASN A 104 -3.97 -29.05 -10.97
N ASN A 105 -4.72 -28.13 -11.54
CA ASN A 105 -4.39 -26.71 -11.40
C ASN A 105 -5.35 -25.94 -10.50
N LYS A 106 -6.13 -26.65 -9.70
CA LYS A 106 -7.05 -26.04 -8.72
C LYS A 106 -8.07 -25.13 -9.40
N GLY A 107 -8.37 -25.42 -10.66
CA GLY A 107 -9.23 -24.56 -11.44
C GLY A 107 -10.72 -24.69 -11.18
N LYS A 108 -11.12 -25.73 -10.44
CA LYS A 108 -12.53 -25.90 -10.13
C LYS A 108 -12.96 -24.97 -8.98
N LEU A 109 -12.30 -25.09 -7.84
CA LEU A 109 -12.62 -24.25 -6.69
C LEU A 109 -11.85 -22.92 -6.69
N GLY A 110 -10.67 -22.94 -7.30
CA GLY A 110 -9.81 -21.78 -7.38
C GLY A 110 -8.61 -21.87 -6.45
N ALA A 111 -7.42 -21.65 -6.99
CA ALA A 111 -6.21 -21.64 -6.18
C ALA A 111 -6.28 -20.56 -5.12
N ASN A 112 -7.03 -19.51 -5.40
CA ASN A 112 -7.17 -18.39 -4.48
C ASN A 112 -8.02 -18.78 -3.27
N ALA A 113 -9.12 -19.48 -3.54
CA ALA A 113 -9.97 -20.02 -2.47
C ALA A 113 -9.17 -20.95 -1.58
N ILE A 114 -8.47 -21.88 -2.20
CA ILE A 114 -7.71 -22.88 -1.46
C ILE A 114 -6.56 -22.28 -0.66
N LEU A 115 -5.80 -21.37 -1.25
CA LEU A 115 -4.66 -20.78 -0.55
C LEU A 115 -5.08 -19.95 0.65
N GLY A 116 -6.17 -19.21 0.52
CA GLY A 116 -6.64 -18.40 1.63
C GLY A 116 -6.89 -19.31 2.83
N CYS A 117 -7.51 -20.47 2.56
CA CYS A 117 -7.76 -21.44 3.63
C CYS A 117 -6.45 -21.99 4.20
N SER A 118 -5.54 -22.37 3.30
CA SER A 118 -4.26 -22.94 3.72
C SER A 118 -3.50 -22.01 4.68
N MET A 119 -3.46 -20.72 4.34
N MET A 119 -3.46 -20.73 4.33
CA MET A 119 -2.74 -19.75 5.14
CA MET A 119 -2.73 -19.74 5.14
C MET A 119 -3.40 -19.52 6.49
C MET A 119 -3.40 -19.49 6.49
N SER A 120 -4.72 -19.40 6.51
CA SER A 120 -5.42 -19.16 7.77
C SER A 120 -5.39 -20.38 8.69
N ILE A 121 -5.39 -21.57 8.12
CA ILE A 121 -5.20 -22.80 8.90
C ILE A 121 -3.84 -22.70 9.60
N CYS A 122 -2.81 -22.35 8.83
CA CYS A 122 -1.45 -22.20 9.36
C CYS A 122 -1.34 -21.16 10.50
N ARG A 123 -1.97 -20.01 10.34
CA ARG A 123 -1.95 -18.99 11.38
C ARG A 123 -2.64 -19.49 12.65
N ALA A 124 -3.78 -20.15 12.47
CA ALA A 124 -4.50 -20.71 13.62
C ALA A 124 -3.64 -21.73 14.36
N ALA A 125 -2.91 -22.55 13.61
CA ALA A 125 -2.02 -23.57 14.17
C ALA A 125 -0.87 -22.96 14.98
N ALA A 126 -0.25 -21.92 14.43
CA ALA A 126 0.81 -21.20 15.15
C ALA A 126 0.32 -20.70 16.51
N ALA A 127 -0.88 -20.15 16.53
CA ALA A 127 -1.47 -19.68 17.79
C ALA A 127 -1.72 -20.86 18.74
N GLU A 128 -2.16 -21.99 18.20
CA GLU A 128 -2.40 -23.18 19.00
C GLU A 128 -1.11 -23.64 19.68
N LYS A 129 0.02 -23.54 18.97
CA LYS A 129 1.32 -23.90 19.52
C LYS A 129 1.96 -22.79 20.35
N GLY A 130 1.28 -21.66 20.44
CA GLY A 130 1.82 -20.51 21.14
C GLY A 130 3.10 -19.96 20.51
N LEU A 131 3.18 -20.01 19.18
CA LEU A 131 4.37 -19.53 18.48
C LEU A 131 4.07 -18.41 17.49
N PRO A 132 5.06 -17.54 17.25
CA PRO A 132 4.91 -16.58 16.14
C PRO A 132 4.86 -17.36 14.83
N LEU A 133 4.21 -16.82 13.82
CA LEU A 133 4.09 -17.51 12.54
C LEU A 133 5.42 -18.02 11.98
N TYR A 134 6.44 -17.16 11.91
CA TYR A 134 7.71 -17.60 11.31
C TYR A 134 8.29 -18.81 12.04
N LYS A 135 8.15 -18.83 13.35
CA LYS A 135 8.70 -19.91 14.16
C LYS A 135 7.90 -21.19 13.98
N TYR A 136 6.59 -21.07 13.87
CA TYR A 136 5.75 -22.24 13.66
C TYR A 136 6.09 -22.84 12.31
N LEU A 137 6.26 -21.98 11.31
CA LEU A 137 6.64 -22.40 9.96
C LEU A 137 7.97 -23.14 9.96
N ALA A 138 8.95 -22.63 10.71
CA ALA A 138 10.25 -23.29 10.80
C ALA A 138 10.11 -24.69 11.41
N GLU A 139 9.32 -24.79 12.47
CA GLU A 139 9.08 -26.06 13.13
CA GLU A 139 9.12 -26.08 13.12
C GLU A 139 8.39 -27.05 12.19
N LEU A 140 7.38 -26.56 11.49
CA LEU A 140 6.63 -27.38 10.55
C LEU A 140 7.48 -27.94 9.41
N THR A 141 8.51 -27.20 9.02
CA THR A 141 9.30 -27.57 7.84
C THR A 141 10.70 -28.02 8.22
N GLY A 142 10.94 -28.14 9.53
CA GLY A 142 12.18 -28.74 10.01
C GLY A 142 13.39 -27.83 9.90
N HIS A 143 13.17 -26.52 9.86
CA HIS A 143 14.30 -25.59 9.81
C HIS A 143 14.76 -25.21 11.22
N LYS A 144 15.99 -25.62 11.56
CA LYS A 144 16.53 -25.37 12.88
C LYS A 144 17.25 -24.02 12.93
N GLU A 145 17.60 -23.50 11.75
CA GLU A 145 18.26 -22.20 11.64
C GLU A 145 17.40 -21.27 10.79
N MET A 146 17.28 -20.03 11.22
CA MET A 146 16.59 -19.01 10.43
C MET A 146 17.58 -17.89 10.14
N THR A 147 17.33 -17.18 9.05
CA THR A 147 18.21 -16.10 8.62
C THR A 147 17.31 -14.99 8.13
N MET A 148 17.66 -13.73 8.43
CA MET A 148 17.00 -12.60 7.81
C MET A 148 17.42 -12.53 6.36
N PRO A 149 16.45 -12.38 5.45
CA PRO A 149 16.75 -12.42 4.03
C PRO A 149 17.30 -11.09 3.52
N VAL A 150 18.04 -11.14 2.42
CA VAL A 150 18.32 -9.93 1.65
C VAL A 150 17.04 -9.51 0.94
N PRO A 151 16.59 -8.26 1.17
CA PRO A 151 15.45 -7.76 0.39
C PRO A 151 15.92 -7.13 -0.92
N CYS A 152 15.17 -7.41 -1.98
CA CYS A 152 15.47 -6.88 -3.30
CA CYS A 152 15.48 -6.87 -3.28
C CYS A 152 14.31 -5.99 -3.72
N PHE A 153 14.60 -4.73 -4.01
CA PHE A 153 13.56 -3.71 -4.20
C PHE A 153 13.44 -3.21 -5.63
N ASN A 154 12.25 -3.35 -6.21
CA ASN A 154 11.95 -2.77 -7.52
CA ASN A 154 11.93 -2.76 -7.51
C ASN A 154 12.30 -1.28 -7.54
N VAL A 155 13.06 -0.85 -8.56
CA VAL A 155 13.38 0.58 -8.67
C VAL A 155 13.12 1.18 -10.06
N ILE A 156 13.39 0.41 -11.10
CA ILE A 156 13.19 0.90 -12.47
C ILE A 156 12.44 -0.12 -13.31
N ASN A 157 11.39 0.33 -14.00
CA ASN A 157 10.54 -0.52 -14.80
C ASN A 157 10.81 -0.38 -16.31
N GLY A 158 10.69 -1.50 -17.03
CA GLY A 158 10.83 -1.51 -18.46
C GLY A 158 9.86 -2.52 -19.03
N GLY A 159 10.17 -3.05 -20.22
CA GLY A 159 9.34 -4.05 -20.84
C GLY A 159 7.91 -3.58 -21.04
N ALA A 160 6.97 -4.49 -20.78
CA ALA A 160 5.55 -4.20 -20.89
C ALA A 160 5.03 -3.24 -19.82
N HIS A 161 5.89 -2.88 -18.87
CA HIS A 161 5.49 -2.04 -17.75
C HIS A 161 5.88 -0.56 -17.88
N ALA A 162 6.46 -0.21 -19.02
CA ALA A 162 6.88 1.18 -19.24
C ALA A 162 6.94 1.49 -20.73
N GLY A 163 6.72 2.76 -21.06
CA GLY A 163 6.77 3.18 -22.44
C GLY A 163 8.17 3.47 -22.92
N ASN A 164 9.15 3.36 -22.02
CA ASN A 164 10.55 3.60 -22.38
C ASN A 164 11.08 2.56 -23.35
N ALA A 165 12.35 2.69 -23.75
CA ALA A 165 12.97 1.75 -24.68
C ALA A 165 13.55 0.51 -23.97
N LEU A 166 13.46 0.49 -22.65
CA LEU A 166 14.09 -0.56 -21.86
C LEU A 166 13.41 -1.92 -22.08
N ALA A 167 14.21 -2.92 -22.44
CA ALA A 167 13.65 -4.22 -22.78
C ALA A 167 13.24 -5.01 -21.52
N MET A 168 14.08 -4.96 -20.51
CA MET A 168 13.85 -5.74 -19.30
C MET A 168 12.67 -5.21 -18.49
N GLN A 169 11.98 -6.10 -17.81
CA GLN A 169 10.80 -5.72 -17.03
C GLN A 169 11.12 -4.85 -15.81
N GLU A 170 12.18 -5.20 -15.09
CA GLU A 170 12.56 -4.39 -13.93
C GLU A 170 13.99 -4.61 -13.51
N PHE A 171 14.53 -3.57 -12.89
CA PHE A 171 15.76 -3.65 -12.11
C PHE A 171 15.43 -3.47 -10.64
N MET A 172 16.08 -4.25 -9.78
CA MET A 172 15.94 -4.12 -8.33
C MET A 172 17.30 -3.80 -7.72
N ILE A 173 17.29 -3.18 -6.54
CA ILE A 173 18.51 -3.06 -5.75
C ILE A 173 18.45 -3.99 -4.56
N CYS A 174 19.59 -4.60 -4.23
CA CYS A 174 19.68 -5.58 -3.15
CA CYS A 174 19.67 -5.59 -3.16
C CYS A 174 20.86 -5.25 -2.24
N PRO A 175 20.57 -4.85 -0.99
CA PRO A 175 21.61 -4.45 -0.03
C PRO A 175 22.33 -5.66 0.56
N THR A 176 23.10 -6.35 -0.27
CA THR A 176 23.79 -7.56 0.16
C THR A 176 24.93 -7.28 1.15
N GLY A 177 25.35 -6.02 1.21
CA GLY A 177 26.43 -5.62 2.11
C GLY A 177 25.95 -5.02 3.43
N ALA A 178 24.64 -5.01 3.67
CA ALA A 178 24.12 -4.62 4.99
C ALA A 178 24.55 -5.64 6.01
N THR A 179 24.46 -5.29 7.29
CA THR A 179 24.86 -6.22 8.34
C THR A 179 23.65 -6.76 9.11
N ASN A 180 22.50 -6.12 8.91
CA ASN A 180 21.24 -6.63 9.44
C ASN A 180 20.07 -6.16 8.59
N PHE A 181 18.87 -6.66 8.88
CA PHE A 181 17.74 -6.32 8.03
C PHE A 181 17.27 -4.86 8.17
N HIS A 182 17.23 -4.32 9.38
CA HIS A 182 16.86 -2.92 9.62
CA HIS A 182 16.79 -2.95 9.50
C HIS A 182 17.74 -1.99 8.78
N GLU A 183 19.04 -2.31 8.77
CA GLU A 183 20.01 -1.52 8.01
C GLU A 183 19.82 -1.70 6.51
N ALA A 184 19.52 -2.92 6.08
CA ALA A 184 19.26 -3.18 4.67
C ALA A 184 18.11 -2.32 4.15
N LEU A 185 17.03 -2.29 4.92
CA LEU A 185 15.87 -1.52 4.53
C LEU A 185 16.21 -0.04 4.46
N ARG A 186 16.93 0.45 5.46
CA ARG A 186 17.32 1.87 5.45
C ARG A 186 18.18 2.22 4.23
N MET A 187 19.20 1.40 3.98
CA MET A 187 20.06 1.61 2.82
C MET A 187 19.24 1.72 1.54
N ALA A 188 18.28 0.80 1.38
CA ALA A 188 17.46 0.78 0.16
C ALA A 188 16.51 1.98 0.09
N ALA A 189 15.95 2.37 1.23
CA ALA A 189 15.06 3.52 1.29
C ALA A 189 15.82 4.79 0.94
N GLU A 190 17.01 4.95 1.51
CA GLU A 190 17.83 6.12 1.21
C GLU A 190 18.24 6.13 -0.28
N THR A 191 18.61 4.97 -0.81
CA THR A 191 19.01 4.91 -2.20
C THR A 191 17.84 5.25 -3.11
N TYR A 192 16.66 4.74 -2.77
CA TYR A 192 15.46 4.98 -3.54
C TYR A 192 15.11 6.46 -3.55
N GLN A 193 15.26 7.11 -2.41
CA GLN A 193 15.00 8.56 -2.34
C GLN A 193 16.04 9.33 -3.14
N CYS A 194 17.30 8.87 -3.11
CA CYS A 194 18.33 9.44 -3.97
C CYS A 194 17.99 9.28 -5.45
N LEU A 195 17.57 8.07 -5.84
CA LEU A 195 17.14 7.81 -7.20
C LEU A 195 15.98 8.72 -7.62
N LYS A 196 15.07 8.95 -6.67
CA LYS A 196 13.91 9.78 -6.96
C LYS A 196 14.35 11.22 -7.29
N VAL A 197 15.29 11.72 -6.50
CA VAL A 197 15.89 13.02 -6.75
C VAL A 197 16.59 13.09 -8.11
N VAL A 198 17.39 12.08 -8.43
CA VAL A 198 18.07 12.02 -9.72
C VAL A 198 17.08 12.01 -10.87
N ILE A 199 16.06 11.18 -10.76
CA ILE A 199 15.06 11.08 -11.82
C ILE A 199 14.31 12.39 -12.02
N LYS A 200 13.94 13.05 -10.93
CA LYS A 200 13.25 14.34 -11.04
C LYS A 200 14.11 15.35 -11.79
N ALA A 201 15.37 15.47 -11.38
CA ALA A 201 16.29 16.39 -12.03
C ALA A 201 16.44 16.11 -13.52
N LYS A 202 16.53 14.83 -13.89
CA LYS A 202 16.83 14.47 -15.26
C LYS A 202 15.60 14.30 -16.16
N TYR A 203 14.49 13.83 -15.59
CA TYR A 203 13.33 13.47 -16.41
C TYR A 203 12.07 14.23 -16.06
N GLY A 204 12.09 14.98 -14.97
CA GLY A 204 10.93 15.76 -14.57
C GLY A 204 10.11 15.17 -13.44
N GLN A 205 9.27 16.01 -12.82
CA GLN A 205 8.50 15.60 -11.65
C GLN A 205 7.61 14.40 -11.93
N ASP A 206 6.96 14.41 -13.08
CA ASP A 206 5.99 13.36 -13.38
C ASP A 206 6.64 11.99 -13.56
N ALA A 207 7.94 11.98 -13.81
CA ALA A 207 8.68 10.72 -13.92
C ALA A 207 8.91 10.07 -12.55
N THR A 208 8.52 10.73 -11.46
CA THR A 208 8.62 10.13 -10.13
C THR A 208 7.32 9.49 -9.65
N ASN A 209 6.28 9.53 -10.46
CA ASN A 209 5.10 8.72 -10.19
C ASN A 209 5.49 7.25 -10.31
N VAL A 210 4.77 6.35 -9.64
CA VAL A 210 5.25 4.98 -9.51
C VAL A 210 4.36 3.92 -10.16
N GLY A 211 4.98 2.80 -10.51
CA GLY A 211 4.27 1.68 -11.07
C GLY A 211 3.63 0.80 -10.01
N ASP A 212 3.11 -0.35 -10.42
CA ASP A 212 2.32 -1.21 -9.53
C ASP A 212 3.09 -1.62 -8.27
N GLU A 213 4.39 -1.83 -8.40
CA GLU A 213 5.22 -2.32 -7.29
C GLU A 213 6.09 -1.24 -6.64
N GLY A 214 5.83 0.02 -6.98
CA GLY A 214 6.46 1.13 -6.28
C GLY A 214 7.67 1.74 -6.95
N GLY A 215 8.11 1.14 -8.06
CA GLY A 215 9.28 1.62 -8.79
C GLY A 215 8.97 2.71 -9.81
N PHE A 216 10.01 3.31 -10.37
CA PHE A 216 9.85 4.40 -11.33
C PHE A 216 9.97 3.88 -12.76
N ALA A 217 9.45 4.66 -13.70
CA ALA A 217 9.51 4.34 -15.12
C ALA A 217 10.11 5.48 -15.95
N PRO A 218 11.35 5.88 -15.64
CA PRO A 218 11.99 6.98 -16.36
C PRO A 218 12.18 6.61 -17.83
N ASN A 219 12.14 7.58 -18.72
CA ASN A 219 12.23 7.29 -20.15
C ASN A 219 13.67 7.00 -20.59
N VAL A 220 14.23 5.88 -20.15
CA VAL A 220 15.61 5.55 -20.48
C VAL A 220 15.73 4.96 -21.89
N SER A 221 16.93 5.03 -22.46
CA SER A 221 17.18 4.56 -23.82
C SER A 221 17.47 3.06 -23.88
N GLY A 222 17.73 2.45 -22.74
CA GLY A 222 18.15 1.06 -22.68
C GLY A 222 18.71 0.69 -21.33
N ALA A 223 19.24 -0.53 -21.22
CA ALA A 223 19.72 -1.04 -19.95
C ALA A 223 20.85 -0.19 -19.35
N ARG A 224 21.75 0.29 -20.20
CA ARG A 224 22.92 0.97 -19.67
C ARG A 224 22.53 2.29 -19.00
N GLU A 225 21.61 3.02 -19.61
CA GLU A 225 21.16 4.26 -19.00
C GLU A 225 20.48 3.98 -17.66
N ALA A 226 19.69 2.91 -17.62
CA ALA A 226 19.01 2.54 -16.37
C ALA A 226 20.02 2.15 -15.30
N LEU A 227 20.98 1.31 -15.67
CA LEU A 227 22.01 0.87 -14.74
C LEU A 227 22.84 2.04 -14.24
N ASP A 228 23.14 2.99 -15.13
CA ASP A 228 23.84 4.20 -14.73
C ASP A 228 23.10 4.97 -13.62
N LEU A 229 21.80 5.13 -13.79
CA LEU A 229 20.98 5.80 -12.78
C LEU A 229 21.08 5.11 -11.42
N LEU A 230 21.09 3.78 -11.42
CA LEU A 230 21.17 3.04 -10.18
C LEU A 230 22.54 3.22 -9.53
N VAL A 231 23.60 3.12 -10.32
CA VAL A 231 24.95 3.28 -9.78
C VAL A 231 25.13 4.69 -9.22
N GLU A 232 24.54 5.67 -9.89
CA GLU A 232 24.55 7.05 -9.41
C GLU A 232 23.82 7.20 -8.08
N ALA A 233 22.61 6.64 -8.00
CA ALA A 233 21.80 6.71 -6.79
C ALA A 233 22.52 6.03 -5.63
N ILE A 234 23.08 4.85 -5.89
CA ILE A 234 23.84 4.13 -4.88
C ILE A 234 25.04 4.96 -4.38
N ALA A 235 25.75 5.61 -5.30
CA ALA A 235 26.88 6.45 -4.90
C ALA A 235 26.41 7.66 -4.06
N LYS A 236 25.31 8.28 -4.48
CA LYS A 236 24.78 9.43 -3.75
C LYS A 236 24.39 9.05 -2.33
N ALA A 237 23.84 7.84 -2.15
CA ALA A 237 23.46 7.39 -0.82
C ALA A 237 24.68 6.96 0.01
N GLY A 238 25.81 6.76 -0.65
CA GLY A 238 27.04 6.37 0.02
C GLY A 238 27.23 4.88 0.25
N TYR A 239 26.60 4.05 -0.57
CA TYR A 239 26.64 2.61 -0.36
C TYR A 239 27.27 1.83 -1.51
N THR A 240 28.09 2.49 -2.31
CA THR A 240 28.81 1.77 -3.37
C THR A 240 29.54 0.58 -2.78
N GLY A 241 29.37 -0.59 -3.38
CA GLY A 241 30.00 -1.80 -2.90
C GLY A 241 29.20 -2.55 -1.85
N LYS A 242 28.09 -1.97 -1.40
CA LYS A 242 27.23 -2.63 -0.42
C LYS A 242 25.84 -2.91 -0.97
N ILE A 243 25.54 -2.38 -2.14
CA ILE A 243 24.28 -2.61 -2.82
C ILE A 243 24.54 -3.18 -4.21
N GLU A 244 23.82 -4.24 -4.54
CA GLU A 244 23.97 -4.87 -5.83
C GLU A 244 22.66 -4.82 -6.59
N ILE A 245 22.71 -5.18 -7.87
CA ILE A 245 21.57 -4.99 -8.74
C ILE A 245 21.04 -6.33 -9.25
N ALA A 246 19.71 -6.49 -9.19
CA ALA A 246 19.07 -7.65 -9.80
C ALA A 246 18.32 -7.21 -11.05
N MET A 247 18.39 -8.02 -12.11
CA MET A 247 17.76 -7.67 -13.38
C MET A 247 16.70 -8.71 -13.76
N ASP A 248 15.42 -8.34 -13.75
CA ASP A 248 14.38 -9.24 -14.23
C ASP A 248 14.07 -8.95 -15.69
N CYS A 249 14.56 -9.79 -16.58
CA CYS A 249 14.39 -9.58 -18.01
C CYS A 249 12.99 -9.93 -18.50
N ALA A 250 12.32 -10.87 -17.83
CA ALA A 250 11.06 -11.41 -18.34
C ALA A 250 11.19 -11.64 -19.85
N ALA A 251 12.25 -12.34 -20.26
CA ALA A 251 12.62 -12.41 -21.68
C ALA A 251 11.54 -12.97 -22.60
N SER A 252 10.54 -13.66 -22.04
CA SER A 252 9.45 -14.18 -22.87
C SER A 252 8.75 -13.02 -23.56
N GLU A 253 8.82 -11.86 -22.94
CA GLU A 253 8.13 -10.67 -23.46
C GLU A 253 8.69 -10.18 -24.80
N PHE A 254 10.00 -10.36 -25.01
CA PHE A 254 10.62 -9.91 -26.24
C PHE A 254 11.19 -11.03 -27.12
N TYR A 255 10.73 -12.25 -26.87
CA TYR A 255 11.18 -13.41 -27.64
C TYR A 255 10.28 -13.65 -28.84
N ASN A 256 10.89 -13.82 -30.01
CA ASN A 256 10.15 -14.18 -31.22
C ASN A 256 10.31 -15.67 -31.46
N GLU A 257 9.24 -16.42 -31.24
CA GLU A 257 9.29 -17.87 -31.24
C GLU A 257 9.61 -18.48 -32.61
N GLU A 258 9.23 -17.78 -33.67
CA GLU A 258 9.46 -18.29 -35.02
C GLU A 258 10.89 -18.10 -35.49
N THR A 259 11.46 -16.94 -35.19
CA THR A 259 12.82 -16.63 -35.61
C THR A 259 13.86 -17.05 -34.57
N LYS A 260 13.39 -17.36 -33.36
CA LYS A 260 14.29 -17.68 -32.26
C LYS A 260 15.17 -16.50 -31.86
N LYS A 261 14.72 -15.29 -32.13
CA LYS A 261 15.48 -14.09 -31.77
C LYS A 261 14.88 -13.36 -30.56
N TYR A 262 15.75 -12.67 -29.82
CA TYR A 262 15.34 -11.84 -28.70
C TYR A 262 15.52 -10.38 -29.07
N ASP A 263 14.43 -9.63 -29.10
CA ASP A 263 14.49 -8.24 -29.57
C ASP A 263 14.60 -7.26 -28.41
N LEU A 264 15.79 -6.73 -28.19
CA LEU A 264 16.00 -5.80 -27.10
C LEU A 264 15.53 -4.40 -27.44
N GLY A 265 14.92 -4.24 -28.61
CA GLY A 265 14.43 -2.95 -29.06
C GLY A 265 12.99 -3.01 -29.55
N LYS A 266 12.21 -3.89 -28.94
CA LYS A 266 10.82 -4.08 -29.31
C LYS A 266 10.03 -2.77 -29.35
N LYS A 267 10.34 -1.87 -28.42
CA LYS A 267 9.57 -0.63 -28.26
C LYS A 267 10.21 0.55 -29.00
N ILE A 268 11.24 0.28 -29.80
CA ILE A 268 11.93 1.35 -30.52
C ILE A 268 11.47 1.39 -31.98
N PRO A 269 11.03 2.57 -32.45
CA PRO A 269 10.54 2.69 -33.83
C PRO A 269 11.59 2.21 -34.85
N ALA A 270 11.11 1.58 -35.92
CA ALA A 270 11.99 0.96 -36.91
C ALA A 270 13.15 1.83 -37.40
N ASP A 271 12.90 3.13 -37.58
CA ASP A 271 13.90 4.03 -38.17
C ASP A 271 14.87 4.64 -37.13
N LYS A 272 14.73 4.25 -35.87
CA LYS A 272 15.58 4.76 -34.83
C LYS A 272 16.33 3.59 -34.21
N LYS A 273 16.09 2.41 -34.77
CA LYS A 273 16.48 1.17 -34.12
C LYS A 273 17.83 0.64 -34.56
N ASP A 274 18.73 0.52 -33.60
CA ASP A 274 19.98 -0.18 -33.79
C ASP A 274 19.66 -1.62 -34.19
N PRO A 275 20.15 -2.06 -35.37
CA PRO A 275 19.89 -3.42 -35.85
C PRO A 275 20.54 -4.50 -34.98
N SER A 276 21.59 -4.16 -34.23
CA SER A 276 22.23 -5.16 -33.38
C SER A 276 21.37 -5.56 -32.18
N LEU A 277 20.30 -4.80 -31.92
CA LEU A 277 19.42 -5.08 -30.79
C LEU A 277 18.66 -6.40 -30.92
N VAL A 278 18.48 -6.88 -32.15
CA VAL A 278 17.84 -8.17 -32.35
C VAL A 278 18.91 -9.24 -32.26
N LYS A 279 18.85 -10.06 -31.22
CA LYS A 279 19.95 -10.97 -30.91
C LYS A 279 19.56 -12.42 -30.91
N ASP A 280 20.51 -13.28 -31.26
CA ASP A 280 20.33 -14.71 -31.02
C ASP A 280 20.76 -14.98 -29.58
N VAL A 281 20.60 -16.22 -29.13
CA VAL A 281 20.95 -16.59 -27.77
C VAL A 281 22.40 -16.20 -27.39
N ASP A 282 23.36 -16.50 -28.26
CA ASP A 282 24.74 -16.16 -27.94
C ASP A 282 24.94 -14.65 -27.83
N GLY A 283 24.27 -13.90 -28.68
CA GLY A 283 24.35 -12.45 -28.67
C GLY A 283 23.72 -11.88 -27.41
N LEU A 284 22.57 -12.44 -27.02
CA LEU A 284 21.93 -12.03 -25.79
C LEU A 284 22.84 -12.33 -24.60
N ILE A 285 23.40 -13.53 -24.56
CA ILE A 285 24.34 -13.88 -23.51
C ILE A 285 25.46 -12.85 -23.43
N ALA A 286 26.01 -12.50 -24.59
CA ALA A 286 27.10 -11.55 -24.66
C ALA A 286 26.70 -10.21 -24.02
N GLU A 287 25.50 -9.75 -24.34
CA GLU A 287 24.98 -8.50 -23.80
C GLU A 287 24.90 -8.57 -22.27
N TYR A 288 24.34 -9.66 -21.75
CA TYR A 288 24.22 -9.86 -20.30
C TYR A 288 25.59 -9.84 -19.66
N VAL A 289 26.54 -10.53 -20.28
CA VAL A 289 27.90 -10.59 -19.77
C VAL A 289 28.51 -9.19 -19.72
N ASP A 290 28.24 -8.39 -20.75
CA ASP A 290 28.75 -7.02 -20.78
C ASP A 290 28.18 -6.14 -19.65
N TYR A 291 26.89 -6.25 -19.35
CA TYR A 291 26.33 -5.50 -18.23
C TYR A 291 27.06 -5.90 -16.96
N GLY A 292 27.26 -7.19 -16.80
CA GLY A 292 27.88 -7.73 -15.61
C GLY A 292 29.31 -7.27 -15.40
N LYS A 293 30.00 -6.96 -16.49
CA LYS A 293 31.39 -6.48 -16.41
C LYS A 293 31.47 -5.02 -15.97
N HIS A 294 30.40 -4.27 -16.23
CA HIS A 294 30.42 -2.84 -15.99
C HIS A 294 29.56 -2.40 -14.81
N TYR A 295 28.72 -3.31 -14.34
CA TYR A 295 27.77 -2.98 -13.28
C TYR A 295 27.67 -4.11 -12.29
N PRO A 296 27.39 -3.76 -11.02
CA PRO A 296 27.35 -4.76 -9.95
C PRO A 296 26.05 -5.59 -9.99
N ILE A 297 25.87 -6.35 -11.05
CA ILE A 297 24.66 -7.17 -11.23
C ILE A 297 24.88 -8.53 -10.57
N ALA A 298 24.05 -8.86 -9.59
CA ALA A 298 24.24 -10.09 -8.82
C ALA A 298 23.32 -11.24 -9.27
N SER A 299 22.18 -10.90 -9.88
CA SER A 299 21.27 -11.95 -10.33
C SER A 299 20.49 -11.51 -11.56
N ILE A 300 20.11 -12.48 -12.36
CA ILE A 300 19.28 -12.23 -13.53
C ILE A 300 18.11 -13.19 -13.53
N GLU A 301 16.90 -12.65 -13.60
CA GLU A 301 15.68 -13.43 -13.57
C GLU A 301 15.09 -13.55 -14.98
N ASP A 302 14.59 -14.74 -15.31
CA ASP A 302 14.08 -15.05 -16.65
C ASP A 302 14.90 -14.43 -17.80
N PRO A 303 16.21 -14.74 -17.85
CA PRO A 303 17.07 -14.20 -18.92
C PRO A 303 16.65 -14.65 -20.32
N PHE A 304 15.99 -15.79 -20.41
CA PHE A 304 15.49 -16.33 -21.68
C PHE A 304 14.02 -16.73 -21.55
N ALA A 305 13.38 -17.02 -22.67
CA ALA A 305 11.96 -17.38 -22.68
C ALA A 305 11.60 -18.64 -21.87
N GLU A 306 10.33 -18.74 -21.50
CA GLU A 306 9.86 -19.74 -20.53
C GLU A 306 10.03 -21.19 -20.94
N ASP A 307 10.31 -21.45 -22.21
CA ASP A 307 10.60 -22.82 -22.66
C ASP A 307 11.88 -22.95 -23.50
N ASP A 308 12.76 -21.95 -23.41
CA ASP A 308 14.00 -22.01 -24.17
C ASP A 308 15.07 -22.74 -23.36
N TRP A 309 14.82 -24.02 -23.09
CA TRP A 309 15.69 -24.78 -22.18
C TRP A 309 17.15 -24.77 -22.59
N ALA A 310 17.42 -24.89 -23.89
CA ALA A 310 18.79 -24.92 -24.37
C ALA A 310 19.53 -23.64 -24.01
N ALA A 311 18.83 -22.50 -24.10
CA ALA A 311 19.47 -21.22 -23.80
C ALA A 311 19.76 -21.09 -22.30
N TRP A 312 18.79 -21.44 -21.47
CA TRP A 312 18.97 -21.42 -20.02
C TRP A 312 20.13 -22.32 -19.61
N ASN A 313 20.16 -23.54 -20.15
CA ASN A 313 21.25 -24.45 -19.79
C ASN A 313 22.61 -23.91 -20.21
N LYS A 314 22.68 -23.39 -21.44
CA LYS A 314 23.93 -22.81 -21.93
C LYS A 314 24.42 -21.69 -21.00
N PHE A 315 23.54 -20.78 -20.63
CA PHE A 315 23.88 -19.66 -19.75
C PHE A 315 24.33 -20.14 -18.35
N THR A 316 23.58 -21.09 -17.78
CA THR A 316 23.91 -21.60 -16.45
C THR A 316 25.26 -22.32 -16.47
N VAL A 317 25.52 -23.14 -17.50
CA VAL A 317 26.80 -23.82 -17.63
C VAL A 317 27.96 -22.83 -17.75
N GLU A 318 27.83 -21.84 -18.64
CA GLU A 318 28.91 -20.88 -18.84
C GLU A 318 29.07 -19.93 -17.64
N HIS A 319 28.07 -19.87 -16.78
CA HIS A 319 28.16 -19.06 -15.56
C HIS A 319 27.62 -19.76 -14.33
N GLY A 320 28.17 -20.95 -14.06
CA GLY A 320 27.73 -21.80 -12.96
C GLY A 320 27.63 -21.14 -11.59
N ASN A 321 28.43 -20.11 -11.35
CA ASN A 321 28.50 -19.46 -10.03
C ASN A 321 27.50 -18.32 -9.82
N PHE A 322 26.83 -17.91 -10.90
CA PHE A 322 26.05 -16.67 -10.86
C PHE A 322 24.55 -16.93 -10.72
N GLN A 323 23.83 -16.08 -9.98
CA GLN A 323 22.42 -16.35 -9.68
C GLN A 323 21.50 -16.17 -10.88
N ILE A 324 20.96 -17.28 -11.35
CA ILE A 324 20.12 -17.32 -12.54
C ILE A 324 18.74 -17.83 -12.11
N VAL A 325 17.76 -16.93 -12.05
CA VAL A 325 16.52 -17.20 -11.36
C VAL A 325 15.38 -17.57 -12.32
N GLY A 326 14.73 -18.70 -12.04
CA GLY A 326 13.57 -19.09 -12.80
C GLY A 326 12.29 -18.52 -12.22
N ASP A 327 11.51 -17.79 -13.04
CA ASP A 327 10.18 -17.29 -12.65
C ASP A 327 9.13 -17.87 -13.58
N ASP A 328 8.94 -17.23 -14.73
CA ASP A 328 8.04 -17.79 -15.76
C ASP A 328 8.49 -19.20 -16.13
N LEU A 329 9.80 -19.44 -16.09
CA LEU A 329 10.34 -20.76 -16.41
C LEU A 329 9.72 -21.85 -15.53
N LEU A 330 9.46 -21.50 -14.27
CA LEU A 330 9.15 -22.50 -13.24
C LEU A 330 7.77 -22.40 -12.61
N VAL A 331 7.25 -21.18 -12.50
CA VAL A 331 5.94 -20.91 -11.87
C VAL A 331 5.67 -21.65 -10.55
N THR A 332 6.70 -21.76 -9.71
CA THR A 332 6.55 -22.37 -8.39
C THR A 332 6.00 -23.81 -8.51
N ASN A 333 6.30 -24.47 -9.62
CA ASN A 333 5.72 -25.77 -9.91
C ASN A 333 6.76 -26.87 -9.78
N PRO A 334 6.54 -27.83 -8.86
CA PRO A 334 7.52 -28.88 -8.57
C PRO A 334 7.96 -29.64 -9.82
N ALA A 335 7.03 -29.91 -10.74
CA ALA A 335 7.37 -30.62 -11.96
C ALA A 335 8.27 -29.79 -12.87
N ARG A 336 8.03 -28.49 -12.95
CA ARG A 336 8.89 -27.62 -13.74
C ARG A 336 10.26 -27.49 -13.08
N VAL A 337 10.27 -27.36 -11.75
CA VAL A 337 11.52 -27.27 -11.00
C VAL A 337 12.37 -28.51 -11.27
N GLN A 338 11.74 -29.69 -11.21
CA GLN A 338 12.47 -30.93 -11.47
C GLN A 338 13.08 -30.95 -12.86
N MET A 339 12.32 -30.50 -13.85
N MET A 339 12.31 -30.51 -13.86
CA MET A 339 12.83 -30.42 -15.23
CA MET A 339 12.84 -30.40 -15.22
C MET A 339 14.06 -29.50 -15.32
C MET A 339 14.09 -29.53 -15.25
N ALA A 340 14.00 -28.34 -14.67
CA ALA A 340 15.13 -27.42 -14.65
C ALA A 340 16.35 -28.10 -14.02
N MET A 341 16.12 -28.84 -12.95
CA MET A 341 17.20 -29.54 -12.28
C MET A 341 17.80 -30.63 -13.17
N ASP A 342 16.93 -31.36 -13.86
CA ASP A 342 17.38 -32.39 -14.77
C ASP A 342 18.17 -31.81 -15.95
N LYS A 343 17.79 -30.61 -16.37
CA LYS A 343 18.40 -30.01 -17.55
C LYS A 343 19.50 -29.03 -17.19
N ASN A 344 19.73 -28.85 -15.89
CA ASN A 344 20.70 -27.87 -15.43
C ASN A 344 20.41 -26.49 -16.00
N ALA A 345 19.16 -26.06 -15.88
CA ALA A 345 18.68 -24.86 -16.59
C ALA A 345 18.85 -23.57 -15.82
N CYS A 346 18.94 -23.65 -14.49
CA CYS A 346 19.08 -22.45 -13.68
C CYS A 346 19.59 -22.85 -12.29
N ASN A 347 19.71 -21.89 -11.37
CA ASN A 347 20.18 -22.24 -10.04
C ASN A 347 19.45 -21.49 -8.91
N SER A 348 18.30 -20.92 -9.23
CA SER A 348 17.52 -20.20 -8.24
C SER A 348 16.06 -20.20 -8.69
N VAL A 349 15.14 -20.14 -7.73
CA VAL A 349 13.71 -20.20 -8.05
C VAL A 349 12.91 -19.11 -7.32
N LEU A 350 11.97 -18.48 -8.01
CA LEU A 350 11.04 -17.59 -7.31
C LEU A 350 9.94 -18.42 -6.65
N ILE A 351 9.50 -17.98 -5.48
CA ILE A 351 8.38 -18.65 -4.81
C ILE A 351 7.17 -17.70 -4.72
N LYS A 352 6.14 -18.02 -5.48
CA LYS A 352 4.86 -17.31 -5.43
C LYS A 352 3.82 -18.28 -4.93
N VAL A 353 3.46 -18.17 -3.65
N VAL A 353 3.46 -18.14 -3.66
CA VAL A 353 2.58 -19.15 -3.04
CA VAL A 353 2.59 -19.11 -3.01
C VAL A 353 1.28 -19.34 -3.82
C VAL A 353 1.28 -19.32 -3.78
N ASN A 354 0.72 -18.25 -4.32
CA ASN A 354 -0.57 -18.38 -5.05
C ASN A 354 -0.45 -19.04 -6.42
N GLN A 355 0.77 -19.25 -6.88
CA GLN A 355 0.99 -19.97 -8.13
C GLN A 355 0.90 -21.46 -7.94
N ILE A 356 0.94 -21.93 -6.69
CA ILE A 356 0.83 -23.36 -6.43
CA ILE A 356 0.82 -23.36 -6.45
C ILE A 356 -0.41 -23.69 -5.60
N GLY A 357 -0.74 -22.83 -4.65
CA GLY A 357 -2.06 -22.91 -4.00
C GLY A 357 -2.22 -23.46 -2.61
N THR A 358 -1.23 -24.20 -2.11
CA THR A 358 -1.25 -24.64 -0.73
C THR A 358 0.13 -24.41 -0.12
N LEU A 359 0.16 -24.25 1.19
CA LEU A 359 1.44 -24.13 1.88
C LEU A 359 2.21 -25.46 1.79
N THR A 360 1.50 -26.57 1.87
CA THR A 360 2.16 -27.88 1.82
C THR A 360 2.98 -28.06 0.54
N GLU A 361 2.41 -27.75 -0.61
CA GLU A 361 3.13 -27.86 -1.87
C GLU A 361 4.22 -26.81 -1.98
N THR A 362 3.97 -25.61 -1.45
CA THR A 362 5.01 -24.60 -1.34
C THR A 362 6.22 -25.14 -0.57
N PHE A 363 5.99 -25.74 0.59
CA PHE A 363 7.10 -26.31 1.38
C PHE A 363 7.91 -27.30 0.53
N LYS A 364 7.21 -28.08 -0.28
CA LYS A 364 7.86 -29.11 -1.08
C LYS A 364 8.75 -28.51 -2.18
N THR A 365 8.24 -27.49 -2.87
CA THR A 365 9.02 -26.83 -3.90
C THR A 365 10.28 -26.22 -3.31
N ILE A 366 10.14 -25.59 -2.14
CA ILE A 366 11.28 -24.98 -1.48
C ILE A 366 12.30 -26.04 -1.06
N LYS A 367 11.79 -27.15 -0.50
N LYS A 367 11.80 -27.15 -0.50
CA LYS A 367 12.64 -28.26 -0.06
CA LYS A 367 12.67 -28.25 -0.07
C LYS A 367 13.49 -28.82 -1.21
C LYS A 367 13.50 -28.81 -1.21
N MET A 368 12.87 -29.02 -2.37
CA MET A 368 13.57 -29.47 -3.57
C MET A 368 14.73 -28.57 -3.91
N ALA A 369 14.47 -27.26 -3.90
CA ALA A 369 15.50 -26.29 -4.25
C ALA A 369 16.62 -26.28 -3.20
N GLN A 370 16.26 -26.32 -1.93
CA GLN A 370 17.27 -26.30 -0.88
C GLN A 370 18.19 -27.53 -0.93
N GLU A 371 17.63 -28.68 -1.27
CA GLU A 371 18.42 -29.90 -1.40
C GLU A 371 19.41 -29.83 -2.56
N LYS A 372 19.13 -28.97 -3.53
CA LYS A 372 20.01 -28.80 -4.68
C LYS A 372 20.96 -27.63 -4.52
N GLY A 373 20.85 -26.93 -3.38
CA GLY A 373 21.69 -25.78 -3.10
C GLY A 373 21.34 -24.58 -3.96
N TRP A 374 20.10 -24.54 -4.42
CA TRP A 374 19.63 -23.43 -5.24
C TRP A 374 19.33 -22.19 -4.40
N GLY A 375 19.31 -21.03 -5.07
CA GLY A 375 18.72 -19.84 -4.48
C GLY A 375 17.20 -20.00 -4.38
N VAL A 376 16.61 -19.41 -3.35
CA VAL A 376 15.16 -19.40 -3.18
C VAL A 376 14.73 -17.99 -2.82
N MET A 377 13.89 -17.39 -3.66
CA MET A 377 13.48 -16.00 -3.43
C MET A 377 11.97 -15.90 -3.30
N ALA A 378 11.46 -15.67 -2.08
CA ALA A 378 10.03 -15.41 -1.89
C ALA A 378 9.68 -14.17 -2.71
N SER A 379 8.51 -14.15 -3.32
CA SER A 379 8.17 -13.05 -4.22
C SER A 379 6.76 -12.54 -4.01
N HIS A 380 6.60 -11.22 -4.10
CA HIS A 380 5.27 -10.62 -4.18
C HIS A 380 4.60 -10.90 -5.54
N ARG A 381 3.34 -10.51 -5.65
CA ARG A 381 2.65 -10.39 -6.94
C ARG A 381 2.40 -8.90 -7.23
N SER A 382 2.12 -8.57 -8.49
CA SER A 382 1.85 -7.17 -8.84
C SER A 382 0.63 -6.66 -8.08
N GLY A 383 -0.38 -7.49 -7.95
CA GLY A 383 -1.53 -7.17 -7.09
C GLY A 383 -1.35 -7.77 -5.69
N GLU A 384 -0.81 -6.98 -4.78
CA GLU A 384 -0.58 -7.46 -3.41
C GLU A 384 -1.69 -7.00 -2.47
N THR A 385 -1.56 -7.36 -1.20
CA THR A 385 -2.51 -6.95 -0.20
C THR A 385 -1.77 -6.53 1.06
N GLU A 386 -2.55 -6.13 2.08
CA GLU A 386 -2.00 -5.73 3.36
C GLU A 386 -1.55 -6.93 4.21
N ASP A 387 -1.63 -8.13 3.65
CA ASP A 387 -1.25 -9.36 4.34
C ASP A 387 0.28 -9.53 4.33
N THR A 388 0.88 -9.90 5.47
CA THR A 388 2.33 -9.97 5.58
C THR A 388 2.91 -11.39 5.59
N PHE A 389 2.08 -12.38 5.26
CA PHE A 389 2.48 -13.77 5.35
C PHE A 389 3.87 -14.09 4.80
N ILE A 390 4.20 -13.60 3.60
CA ILE A 390 5.47 -13.98 3.00
C ILE A 390 6.71 -13.51 3.79
N ALA A 391 6.54 -12.52 4.66
CA ALA A 391 7.64 -12.12 5.54
C ALA A 391 7.96 -13.25 6.53
N ASP A 392 6.92 -13.79 7.15
CA ASP A 392 7.14 -14.89 8.09
C ASP A 392 7.61 -16.12 7.34
N LEU A 393 7.06 -16.32 6.15
CA LEU A 393 7.43 -17.47 5.32
C LEU A 393 8.92 -17.46 4.97
N VAL A 394 9.43 -16.34 4.48
CA VAL A 394 10.80 -16.29 4.02
C VAL A 394 11.79 -16.53 5.17
N VAL A 395 11.44 -16.09 6.37
CA VAL A 395 12.32 -16.27 7.50
C VAL A 395 12.25 -17.71 8.02
N GLY A 396 11.03 -18.20 8.24
CA GLY A 396 10.84 -19.52 8.82
C GLY A 396 11.37 -20.66 7.95
N LEU A 397 11.37 -20.46 6.64
CA LEU A 397 11.84 -21.47 5.69
C LEU A 397 13.31 -21.25 5.30
N ASN A 398 13.93 -20.24 5.90
CA ASN A 398 15.35 -19.98 5.69
C ASN A 398 15.73 -19.78 4.23
N CYS A 399 14.92 -19.00 3.49
CA CYS A 399 15.11 -18.83 2.05
C CYS A 399 16.22 -17.86 1.69
N LYS A 400 16.40 -16.85 2.55
CA LYS A 400 17.51 -15.89 2.45
CA LYS A 400 17.52 -15.91 2.44
C LYS A 400 17.36 -14.76 1.43
N GLN A 401 16.29 -14.78 0.64
CA GLN A 401 16.01 -13.65 -0.25
C GLN A 401 14.53 -13.38 -0.33
N ILE A 402 14.15 -12.11 -0.48
CA ILE A 402 12.76 -11.81 -0.75
C ILE A 402 12.67 -10.62 -1.68
N LYS A 403 11.78 -10.68 -2.67
CA LYS A 403 11.49 -9.48 -3.43
C LYS A 403 10.02 -9.15 -3.23
N THR A 404 9.76 -8.01 -2.62
CA THR A 404 8.38 -7.66 -2.31
C THR A 404 8.06 -6.17 -2.45
N GLY A 405 8.79 -5.51 -3.34
CA GLY A 405 8.45 -4.18 -3.82
C GLY A 405 9.55 -3.17 -3.59
N ALA A 406 9.38 -2.00 -4.21
CA ALA A 406 10.13 -0.82 -3.82
C ALA A 406 9.81 -0.52 -2.36
N PRO A 407 10.63 0.31 -1.70
CA PRO A 407 10.27 0.80 -0.37
C PRO A 407 9.21 1.89 -0.50
N CYS A 408 8.08 1.53 -1.12
CA CYS A 408 7.03 2.51 -1.46
C CYS A 408 5.75 1.75 -1.75
N ARG A 409 4.62 2.25 -1.26
CA ARG A 409 3.30 1.59 -1.32
C ARG A 409 3.19 0.55 -0.19
N SER A 410 2.20 0.71 0.69
CA SER A 410 2.17 -0.10 1.90
C SER A 410 1.91 -1.60 1.74
N GLU A 411 1.39 -2.03 0.60
CA GLU A 411 1.30 -3.47 0.33
C GLU A 411 2.70 -4.04 0.18
N ARG A 412 3.66 -3.15 -0.06
CA ARG A 412 5.08 -3.51 -0.05
C ARG A 412 5.68 -3.28 1.33
N LEU A 413 5.56 -2.07 1.86
CA LEU A 413 6.17 -1.77 3.16
C LEU A 413 5.66 -2.69 4.29
N CYS A 414 4.42 -3.15 4.21
CA CYS A 414 3.91 -3.94 5.33
C CYS A 414 4.76 -5.22 5.51
N LYS A 415 5.24 -5.79 4.40
CA LYS A 415 6.16 -6.94 4.47
C LYS A 415 7.50 -6.51 5.11
N TYR A 416 8.08 -5.41 4.61
CA TYR A 416 9.38 -4.94 5.14
C TYR A 416 9.28 -4.56 6.62
N ASN A 417 8.17 -3.93 7.00
CA ASN A 417 7.92 -3.61 8.40
C ASN A 417 7.83 -4.86 9.26
N GLN A 418 7.13 -5.87 8.75
CA GLN A 418 7.02 -7.15 9.45
C GLN A 418 8.39 -7.80 9.57
N LEU A 419 9.20 -7.74 8.52
CA LEU A 419 10.55 -8.29 8.61
C LEU A 419 11.36 -7.60 9.70
N MET A 420 11.26 -6.27 9.80
CA MET A 420 11.91 -5.56 10.91
C MET A 420 11.44 -6.04 12.30
N ARG A 421 10.14 -6.25 12.47
CA ARG A 421 9.59 -6.74 13.73
C ARG A 421 10.14 -8.12 14.08
N ILE A 422 10.22 -9.00 13.08
CA ILE A 422 10.72 -10.35 13.32
C ILE A 422 12.18 -10.30 13.78
N GLU A 423 12.99 -9.48 13.11
CA GLU A 423 14.38 -9.31 13.52
C GLU A 423 14.52 -8.76 14.94
N GLU A 424 13.72 -7.74 15.25
CA GLU A 424 13.70 -7.15 16.58
C GLU A 424 13.35 -8.19 17.64
N GLU A 425 12.37 -9.04 17.36
CA GLU A 425 11.88 -10.04 18.31
C GLU A 425 12.91 -11.16 18.56
N LEU A 426 13.64 -11.51 17.52
CA LEU A 426 14.60 -12.60 17.60
C LEU A 426 15.90 -12.18 18.26
N GLY A 427 16.29 -10.92 18.06
CA GLY A 427 17.55 -10.43 18.59
C GLY A 427 18.76 -10.74 17.73
N ASN A 428 19.29 -11.95 17.87
CA ASN A 428 20.61 -12.32 17.36
C ASN A 428 20.68 -12.91 15.93
N ILE A 429 19.55 -13.06 15.28
CA ILE A 429 19.47 -13.75 13.98
C ILE A 429 20.42 -13.17 12.91
N PRO A 430 21.14 -14.06 12.21
CA PRO A 430 22.09 -13.63 11.17
C PRO A 430 21.39 -13.04 9.95
N TYR A 431 22.12 -12.20 9.23
CA TYR A 431 21.64 -11.61 8.00
C TYR A 431 22.32 -12.36 6.85
N ALA A 432 21.55 -12.70 5.80
CA ALA A 432 22.07 -13.53 4.71
C ALA A 432 23.29 -12.96 3.98
N GLY A 433 23.32 -11.64 3.76
CA GLY A 433 24.43 -11.01 3.09
C GLY A 433 24.62 -11.51 1.67
N LYS A 434 25.84 -11.96 1.33
CA LYS A 434 26.09 -12.44 -0.02
C LYS A 434 25.81 -13.93 -0.19
N ASN A 435 25.37 -14.58 0.88
CA ASN A 435 25.03 -16.00 0.84
C ASN A 435 23.58 -16.20 0.39
N TRP A 436 23.40 -16.54 -0.88
CA TRP A 436 22.05 -16.74 -1.42
C TRP A 436 21.72 -18.22 -1.67
N ARG A 437 22.73 -19.03 -1.96
CA ARG A 437 22.46 -20.46 -2.18
C ARG A 437 21.95 -21.10 -0.89
N ASN A 438 20.80 -21.76 -0.96
CA ASN A 438 20.19 -22.40 0.20
C ASN A 438 20.89 -23.69 0.57
N SER A 439 20.61 -24.19 1.77
CA SER A 439 21.08 -25.53 2.13
C SER A 439 19.99 -26.24 2.91
N THR A 440 20.26 -27.49 3.26
CA THR A 440 19.26 -28.27 3.98
C THR A 440 19.37 -28.01 5.48
N ALA A 441 20.42 -27.30 5.89
CA ALA A 441 20.61 -26.94 7.29
C ALA A 441 19.63 -25.83 7.71
N LEU B 3 -6.26 -2.47 39.77
CA LEU B 3 -5.27 -3.07 38.87
C LEU B 3 -5.77 -4.40 38.33
N GLY B 4 -6.10 -4.43 37.04
CA GLY B 4 -6.69 -5.62 36.41
C GLY B 4 -6.38 -5.73 34.92
N SER B 5 -7.28 -6.37 34.18
CA SER B 5 -7.08 -6.59 32.75
C SER B 5 -6.97 -5.28 31.96
N MET B 6 -7.59 -4.24 32.50
CA MET B 6 -7.63 -2.94 31.84
C MET B 6 -6.36 -2.13 32.05
N SER B 7 -5.44 -2.65 32.87
CA SER B 7 -4.23 -1.91 33.23
C SER B 7 -3.13 -2.10 32.19
N ILE B 8 -2.46 -1.01 31.83
CA ILE B 8 -1.34 -1.10 30.90
C ILE B 8 -0.15 -1.84 31.53
N GLN B 9 0.28 -2.92 30.87
CA GLN B 9 1.43 -3.71 31.34
C GLN B 9 2.70 -3.39 30.59
N LYS B 10 2.58 -2.91 29.36
CA LYS B 10 3.76 -2.68 28.54
C LYS B 10 3.46 -1.68 27.43
N VAL B 11 4.43 -0.81 27.15
CA VAL B 11 4.31 0.17 26.08
C VAL B 11 5.61 0.12 25.30
N HIS B 12 5.52 -0.01 23.99
CA HIS B 12 6.72 -0.13 23.20
C HIS B 12 6.48 0.43 21.80
N ALA B 13 7.38 1.31 21.38
CA ALA B 13 7.30 1.91 20.06
C ALA B 13 8.48 1.47 19.22
N ARG B 14 8.32 1.57 17.90
CA ARG B 14 9.40 1.27 16.99
C ARG B 14 9.23 2.08 15.73
N GLU B 15 10.31 2.19 14.98
CA GLU B 15 10.30 2.96 13.75
C GLU B 15 9.96 2.02 12.58
N ILE B 16 8.94 2.39 11.80
CA ILE B 16 8.57 1.62 10.60
C ILE B 16 8.60 2.57 9.41
N LEU B 17 8.32 2.08 8.20
CA LEU B 17 8.24 2.96 7.03
C LEU B 17 6.79 3.14 6.58
N ASP B 18 6.45 4.38 6.23
CA ASP B 18 5.12 4.71 5.73
C ASP B 18 5.04 4.48 4.23
N SER B 19 3.89 4.79 3.64
CA SER B 19 3.63 4.44 2.25
C SER B 19 4.51 5.17 1.24
N ARG B 20 5.14 6.26 1.67
CA ARG B 20 6.05 7.00 0.79
C ARG B 20 7.48 6.51 1.01
N GLY B 21 7.66 5.59 1.96
CA GLY B 21 8.97 5.07 2.28
C GLY B 21 9.77 5.89 3.28
N ASN B 22 9.08 6.77 4.02
CA ASN B 22 9.74 7.56 5.07
C ASN B 22 9.42 7.00 6.44
N PRO B 23 10.33 7.16 7.40
CA PRO B 23 10.07 6.60 8.72
C PRO B 23 8.83 7.22 9.38
N THR B 24 8.14 6.41 10.16
CA THR B 24 7.11 6.88 11.06
C THR B 24 7.07 5.95 12.27
N ILE B 25 6.19 6.24 13.22
CA ILE B 25 6.19 5.51 14.46
C ILE B 25 5.01 4.56 14.57
N GLU B 26 5.24 3.38 15.14
CA GLU B 26 4.13 2.57 15.58
C GLU B 26 4.30 2.26 17.06
N VAL B 27 3.17 2.23 17.76
CA VAL B 27 3.16 2.09 19.20
C VAL B 27 2.32 0.88 19.58
N GLU B 28 2.89 0.03 20.42
CA GLU B 28 2.18 -1.15 20.91
C GLU B 28 1.94 -1.03 22.40
N ILE B 29 0.68 -1.23 22.79
CA ILE B 29 0.32 -1.20 24.20
C ILE B 29 -0.27 -2.55 24.61
N THR B 30 0.25 -3.11 25.69
CA THR B 30 -0.20 -4.41 26.14
C THR B 30 -0.99 -4.33 27.44
N THR B 31 -2.13 -5.00 27.45
CA THR B 31 -2.94 -5.12 28.65
C THR B 31 -3.26 -6.59 28.87
N GLY B 32 -4.16 -6.89 29.79
CA GLY B 32 -4.60 -8.25 30.00
C GLY B 32 -5.35 -8.82 28.81
N LYS B 33 -5.82 -7.96 27.92
CA LYS B 33 -6.55 -8.41 26.73
C LYS B 33 -5.61 -8.67 25.56
N GLY B 34 -4.33 -8.32 25.72
CA GLY B 34 -3.35 -8.59 24.68
C GLY B 34 -2.57 -7.36 24.26
N MET B 35 -1.93 -7.45 23.09
CA MET B 35 -1.13 -6.36 22.57
C MET B 35 -1.92 -5.62 21.48
N PHE B 36 -1.86 -4.30 21.49
CA PHE B 36 -2.59 -3.48 20.53
C PHE B 36 -1.66 -2.51 19.84
N ARG B 37 -1.70 -2.52 18.51
CA ARG B 37 -0.75 -1.77 17.70
C ARG B 37 -1.44 -0.66 16.91
N SER B 38 -0.79 0.50 16.88
CA SER B 38 -1.25 1.61 16.07
C SER B 38 -0.06 2.21 15.32
N CYS B 39 -0.26 2.57 14.06
CA CYS B 39 0.78 3.26 13.28
C CYS B 39 0.34 4.69 12.97
N VAL B 40 1.28 5.63 12.99
CA VAL B 40 0.95 7.04 12.79
C VAL B 40 1.29 7.51 11.39
N PRO B 41 0.35 8.21 10.72
CA PRO B 41 0.57 8.69 9.36
C PRO B 41 1.34 10.01 9.36
N SER B 42 1.57 10.57 8.17
CA SER B 42 2.33 11.82 8.03
C SER B 42 2.07 12.51 6.68
N GLY B 43 1.84 13.82 6.70
CA GLY B 43 1.48 14.54 5.49
C GLY B 43 2.64 15.04 4.64
N ALA B 44 2.50 15.00 3.32
CA ALA B 44 3.58 15.46 2.43
C ALA B 44 3.78 16.95 2.61
N SER B 45 2.67 17.69 2.57
CA SER B 45 2.67 19.10 2.89
C SER B 45 1.69 19.31 4.04
N THR B 46 2.02 20.24 4.93
CA THR B 46 1.26 20.37 6.17
C THR B 46 0.88 21.83 6.45
N GLY B 47 -0.37 22.04 6.85
CA GLY B 47 -0.81 23.36 7.23
C GLY B 47 0.13 23.96 8.27
N VAL B 48 0.35 25.27 8.17
CA VAL B 48 1.25 25.99 9.06
C VAL B 48 0.88 25.86 10.55
N HIS B 49 -0.35 25.42 10.84
CA HIS B 49 -0.89 25.41 12.20
C HIS B 49 -0.98 24.02 12.87
N GLU B 50 -0.61 22.96 12.15
CA GLU B 50 -0.71 21.59 12.68
C GLU B 50 0.07 21.44 14.00
N ALA B 51 -0.37 20.54 14.87
CA ALA B 51 0.51 20.01 15.90
C ALA B 51 1.71 19.42 15.16
N VAL B 52 2.88 19.38 15.78
CA VAL B 52 4.07 18.99 15.03
C VAL B 52 4.60 17.59 15.34
N GLU B 53 4.97 16.86 14.29
CA GLU B 53 5.61 15.56 14.45
C GLU B 53 7.07 15.79 14.77
N LEU B 54 7.63 14.97 15.65
CA LEU B 54 9.05 15.06 15.96
C LEU B 54 9.86 14.18 15.00
N ARG B 55 10.76 14.81 14.26
CA ARG B 55 11.69 14.12 13.37
C ARG B 55 13.11 14.28 13.93
N ASP B 56 14.02 13.39 13.54
CA ASP B 56 15.36 13.34 14.13
C ASP B 56 16.29 14.43 13.61
N GLY B 57 16.14 14.79 12.35
CA GLY B 57 16.97 15.82 11.74
C GLY B 57 18.40 15.37 11.45
N ASP B 58 18.65 14.08 11.58
CA ASP B 58 19.98 13.53 11.29
C ASP B 58 20.11 13.32 9.79
N LYS B 59 20.76 14.25 9.10
CA LYS B 59 20.80 14.22 7.65
C LYS B 59 21.50 12.99 7.08
N LYS B 60 22.21 12.25 7.92
CA LYS B 60 22.90 11.03 7.49
C LYS B 60 21.98 9.81 7.55
N ARG B 61 20.79 9.99 8.12
CA ARG B 61 19.88 8.87 8.32
C ARG B 61 18.48 9.18 7.79
N TYR B 62 18.06 8.44 6.76
CA TYR B 62 16.72 8.64 6.18
C TYR B 62 16.50 10.11 5.80
N GLY B 63 17.55 10.77 5.31
CA GLY B 63 17.44 12.14 4.87
C GLY B 63 16.96 13.09 5.95
N GLY B 64 17.25 12.73 7.20
CA GLY B 64 16.87 13.55 8.34
C GLY B 64 15.46 13.31 8.81
N LYS B 65 14.83 12.24 8.34
CA LYS B 65 13.42 12.00 8.62
C LYS B 65 13.18 10.86 9.58
N GLY B 66 14.24 10.39 10.24
CA GLY B 66 14.09 9.35 11.25
C GLY B 66 13.16 9.77 12.39
N VAL B 67 12.59 8.79 13.08
CA VAL B 67 11.80 9.09 14.27
C VAL B 67 12.30 8.35 15.51
N LEU B 68 13.60 8.12 15.58
CA LEU B 68 14.18 7.49 16.75
C LEU B 68 13.90 8.28 18.02
N LYS B 69 13.89 9.60 17.90
CA LYS B 69 13.62 10.44 19.07
C LYS B 69 12.18 10.26 19.54
N ALA B 70 11.22 10.28 18.62
CA ALA B 70 9.84 10.04 18.99
C ALA B 70 9.68 8.66 19.63
N VAL B 71 10.35 7.66 19.05
CA VAL B 71 10.32 6.31 19.59
C VAL B 71 10.87 6.25 21.03
N GLU B 72 12.01 6.88 21.28
CA GLU B 72 12.57 6.89 22.63
CA GLU B 72 12.58 6.89 22.63
C GLU B 72 11.65 7.64 23.59
N ASN B 73 11.03 8.71 23.10
CA ASN B 73 10.07 9.45 23.92
C ASN B 73 8.95 8.54 24.40
N VAL B 74 8.41 7.73 23.50
CA VAL B 74 7.43 6.73 23.91
C VAL B 74 8.01 5.71 24.86
N ASN B 75 9.17 5.16 24.52
CA ASN B 75 9.69 4.04 25.31
C ASN B 75 10.20 4.42 26.71
N THR B 76 10.72 5.64 26.86
CA THR B 76 11.37 6.03 28.12
C THR B 76 10.68 7.17 28.86
N ILE B 77 9.70 7.80 28.22
CA ILE B 77 8.99 8.92 28.85
C ILE B 77 7.48 8.69 28.98
N ILE B 78 6.79 8.61 27.85
CA ILE B 78 5.35 8.39 27.91
C ILE B 78 5.02 7.01 28.48
N GLY B 79 5.67 5.98 27.94
CA GLY B 79 5.39 4.61 28.37
C GLY B 79 5.48 4.38 29.86
N PRO B 80 6.63 4.74 30.47
CA PRO B 80 6.77 4.66 31.92
C PRO B 80 5.61 5.35 32.65
N ALA B 81 5.16 6.49 32.13
CA ALA B 81 4.07 7.23 32.76
C ALA B 81 2.70 6.58 32.57
N LEU B 82 2.62 5.64 31.61
CA LEU B 82 1.35 4.98 31.31
C LEU B 82 1.21 3.64 32.04
N LEU B 83 2.32 3.04 32.43
CA LEU B 83 2.30 1.73 33.08
C LEU B 83 1.33 1.74 34.26
N GLY B 84 0.53 0.69 34.37
CA GLY B 84 -0.44 0.58 35.46
C GLY B 84 -1.75 1.33 35.26
N LYS B 85 -1.77 2.30 34.34
CA LYS B 85 -2.98 3.09 34.15
C LYS B 85 -4.11 2.36 33.42
N ASN B 86 -5.32 2.88 33.60
CA ASN B 86 -6.53 2.27 33.08
C ASN B 86 -6.85 2.78 31.67
N VAL B 87 -6.78 1.89 30.67
CA VAL B 87 -6.98 2.31 29.28
C VAL B 87 -8.38 2.86 29.00
N LEU B 88 -9.34 2.55 29.86
CA LEU B 88 -10.69 3.08 29.69
C LEU B 88 -10.78 4.58 29.91
N ASN B 89 -9.79 5.15 30.59
CA ASN B 89 -9.81 6.58 30.88
C ASN B 89 -9.13 7.38 29.77
N GLN B 90 -9.78 7.42 28.61
CA GLN B 90 -9.18 8.03 27.42
C GLN B 90 -8.82 9.51 27.63
N ALA B 91 -9.77 10.31 28.10
CA ALA B 91 -9.52 11.74 28.28
C ALA B 91 -8.44 12.01 29.34
N GLU B 92 -8.47 11.26 30.43
CA GLU B 92 -7.45 11.39 31.47
C GLU B 92 -6.04 11.11 30.94
N LEU B 93 -5.90 10.03 30.16
CA LEU B 93 -4.58 9.65 29.65
C LEU B 93 -4.09 10.61 28.57
N ASP B 94 -4.99 11.03 27.69
CA ASP B 94 -4.64 12.01 26.66
C ASP B 94 -4.18 13.33 27.30
N GLU B 95 -4.91 13.78 28.31
CA GLU B 95 -4.55 15.04 28.96
C GLU B 95 -3.22 14.92 29.70
N MET B 96 -2.98 13.75 30.28
CA MET B 96 -1.71 13.48 30.93
C MET B 96 -0.53 13.60 29.98
N MET B 97 -0.67 13.06 28.77
CA MET B 97 0.40 13.15 27.79
C MET B 97 0.56 14.60 27.29
N ILE B 98 -0.56 15.32 27.19
CA ILE B 98 -0.50 16.73 26.79
C ILE B 98 0.34 17.53 27.78
N LYS B 99 0.17 17.25 29.06
CA LYS B 99 0.91 17.96 30.11
C LYS B 99 2.37 17.51 30.22
N LEU B 100 2.64 16.25 29.92
CA LEU B 100 4.03 15.80 29.86
C LEU B 100 4.79 16.63 28.86
N ASP B 101 4.21 16.81 27.68
CA ASP B 101 4.85 17.56 26.60
C ASP B 101 4.98 19.04 26.96
N GLY B 102 3.88 19.64 27.42
CA GLY B 102 3.89 20.98 27.98
C GLY B 102 3.88 22.13 27.00
N THR B 103 3.73 21.83 25.70
CA THR B 103 3.74 22.86 24.68
C THR B 103 2.46 22.75 23.84
N ASN B 104 1.97 23.89 23.34
CA ASN B 104 0.71 23.85 22.60
C ASN B 104 0.78 23.03 21.30
N ASN B 105 1.94 22.97 20.65
CA ASN B 105 2.06 22.20 19.40
C ASN B 105 2.58 20.77 19.55
N LYS B 106 2.66 20.28 20.79
CA LYS B 106 3.19 18.94 21.06
C LYS B 106 4.59 18.70 20.49
N GLY B 107 5.39 19.76 20.39
CA GLY B 107 6.68 19.69 19.72
C GLY B 107 7.83 19.17 20.56
N LYS B 108 7.57 18.90 21.83
CA LYS B 108 8.57 18.35 22.74
C LYS B 108 8.67 16.83 22.61
N LEU B 109 7.57 16.14 22.91
CA LEU B 109 7.53 14.68 22.78
C LEU B 109 7.23 14.27 21.35
N GLY B 110 6.52 15.13 20.63
CA GLY B 110 6.10 14.88 19.27
C GLY B 110 4.65 14.47 19.21
N ALA B 111 3.87 15.13 18.36
CA ALA B 111 2.47 14.78 18.17
C ALA B 111 2.34 13.33 17.71
N ASN B 112 3.37 12.86 17.01
CA ASN B 112 3.37 11.48 16.52
C ASN B 112 3.53 10.47 17.64
N ALA B 113 4.44 10.75 18.57
CA ALA B 113 4.60 9.90 19.75
C ALA B 113 3.31 9.80 20.58
N ILE B 114 2.71 10.96 20.87
CA ILE B 114 1.50 11.03 21.65
C ILE B 114 0.32 10.33 20.96
N LEU B 115 0.13 10.61 19.68
CA LEU B 115 -1.01 10.02 18.97
C LEU B 115 -0.94 8.49 18.92
N GLY B 116 0.26 7.95 18.70
CA GLY B 116 0.44 6.50 18.68
C GLY B 116 -0.06 5.85 19.96
N CYS B 117 0.31 6.44 21.11
CA CYS B 117 -0.18 5.95 22.40
C CYS B 117 -1.69 6.15 22.52
N SER B 118 -2.17 7.32 22.11
CA SER B 118 -3.58 7.64 22.20
C SER B 118 -4.43 6.55 21.51
N MET B 119 -4.02 6.19 20.29
N MET B 119 -4.00 6.19 20.29
CA MET B 119 -4.79 5.22 19.51
CA MET B 119 -4.74 5.23 19.48
C MET B 119 -4.73 3.81 20.09
C MET B 119 -4.72 3.82 20.07
N SER B 120 -3.56 3.40 20.56
CA SER B 120 -3.44 2.05 21.12
C SER B 120 -4.16 1.93 22.45
N ILE B 121 -4.15 3.00 23.24
CA ILE B 121 -4.96 3.04 24.44
C ILE B 121 -6.41 2.73 24.07
N CYS B 122 -6.90 3.42 23.06
CA CYS B 122 -8.27 3.27 22.59
C CYS B 122 -8.59 1.84 22.10
N ARG B 123 -7.68 1.25 21.32
CA ARG B 123 -7.84 -0.12 20.85
CA ARG B 123 -7.86 -0.11 20.85
C ARG B 123 -7.92 -1.09 22.02
N ALA B 124 -7.03 -0.91 22.99
CA ALA B 124 -7.00 -1.78 24.16
C ALA B 124 -8.30 -1.66 24.97
N ALA B 125 -8.86 -0.46 25.00
CA ALA B 125 -10.10 -0.20 25.74
C ALA B 125 -11.30 -0.86 25.07
N ALA B 126 -11.35 -0.81 23.75
CA ALA B 126 -12.42 -1.47 23.03
C ALA B 126 -12.42 -2.97 23.38
N ALA B 127 -11.23 -3.57 23.39
CA ALA B 127 -11.12 -4.99 23.73
C ALA B 127 -11.57 -5.21 25.17
N GLU B 128 -11.22 -4.28 26.04
CA GLU B 128 -11.61 -4.35 27.44
C GLU B 128 -13.13 -4.38 27.58
N LYS B 129 -13.82 -3.63 26.73
CA LYS B 129 -15.27 -3.59 26.76
C LYS B 129 -15.91 -4.68 25.92
N GLY B 130 -15.08 -5.46 25.25
CA GLY B 130 -15.57 -6.52 24.39
C GLY B 130 -16.28 -6.01 23.14
N LEU B 131 -15.88 -4.83 22.67
CA LEU B 131 -16.52 -4.20 21.51
C LEU B 131 -15.55 -4.06 20.34
N PRO B 132 -16.07 -4.15 19.10
CA PRO B 132 -15.21 -3.74 17.99
C PRO B 132 -14.88 -2.24 18.13
N LEU B 133 -13.76 -1.82 17.58
CA LEU B 133 -13.28 -0.44 17.77
C LEU B 133 -14.33 0.62 17.39
N TYR B 134 -15.00 0.44 16.25
CA TYR B 134 -15.97 1.45 15.83
C TYR B 134 -17.08 1.61 16.87
N LYS B 135 -17.47 0.49 17.48
CA LYS B 135 -18.57 0.50 18.43
C LYS B 135 -18.13 1.15 19.73
N TYR B 136 -16.93 0.82 20.18
CA TYR B 136 -16.35 1.51 21.34
C TYR B 136 -16.26 3.01 21.10
N LEU B 137 -15.80 3.41 19.92
CA LEU B 137 -15.71 4.83 19.57
C LEU B 137 -17.08 5.50 19.66
N ALA B 138 -18.11 4.83 19.17
CA ALA B 138 -19.47 5.33 19.25
C ALA B 138 -19.93 5.56 20.70
N GLU B 139 -19.71 4.56 21.55
CA GLU B 139 -20.12 4.68 22.93
CA GLU B 139 -20.09 4.66 22.96
C GLU B 139 -19.31 5.75 23.66
N LEU B 140 -18.00 5.77 23.42
CA LEU B 140 -17.12 6.76 24.04
C LEU B 140 -17.55 8.19 23.70
N THR B 141 -18.19 8.38 22.56
CA THR B 141 -18.51 9.72 22.08
C THR B 141 -20.01 10.01 22.03
N GLY B 142 -20.81 9.12 22.60
CA GLY B 142 -22.24 9.35 22.72
C GLY B 142 -23.05 9.22 21.44
N HIS B 143 -22.50 8.57 20.43
CA HIS B 143 -23.22 8.37 19.19
C HIS B 143 -24.11 7.14 19.22
N LYS B 144 -25.41 7.36 19.18
CA LYS B 144 -26.39 6.26 19.23
C LYS B 144 -26.66 5.70 17.84
N GLU B 145 -26.32 6.47 16.80
CA GLU B 145 -26.47 5.99 15.43
C GLU B 145 -25.16 6.01 14.64
N MET B 146 -25.01 5.02 13.77
CA MET B 146 -23.84 4.92 12.90
C MET B 146 -24.29 4.81 11.45
N THR B 147 -23.47 5.35 10.55
CA THR B 147 -23.79 5.39 9.14
C THR B 147 -22.52 5.06 8.37
N MET B 148 -22.63 4.31 7.27
CA MET B 148 -21.48 4.11 6.40
C MET B 148 -21.24 5.39 5.63
N PRO B 149 -19.98 5.86 5.58
CA PRO B 149 -19.71 7.16 4.95
C PRO B 149 -19.65 7.07 3.44
N VAL B 150 -19.89 8.19 2.76
CA VAL B 150 -19.55 8.29 1.35
C VAL B 150 -18.03 8.39 1.25
N PRO B 151 -17.41 7.48 0.48
CA PRO B 151 -15.96 7.57 0.24
C PRO B 151 -15.66 8.51 -0.92
N CYS B 152 -14.65 9.36 -0.76
CA CYS B 152 -14.20 10.23 -1.84
C CYS B 152 -12.78 9.86 -2.25
N PHE B 153 -12.60 9.52 -3.53
CA PHE B 153 -11.37 8.90 -4.00
C PHE B 153 -10.53 9.86 -4.85
N ASN B 154 -9.28 10.09 -4.45
CA ASN B 154 -8.37 10.90 -5.25
CA ASN B 154 -8.31 10.86 -5.23
C ASN B 154 -8.13 10.21 -6.60
N VAL B 155 -8.34 10.94 -7.69
CA VAL B 155 -8.15 10.34 -9.02
C VAL B 155 -7.27 11.14 -9.96
N ILE B 156 -7.24 12.45 -9.80
CA ILE B 156 -6.38 13.29 -10.62
C ILE B 156 -5.69 14.31 -9.77
N ASN B 157 -4.38 14.43 -9.92
CA ASN B 157 -3.57 15.32 -9.11
C ASN B 157 -3.10 16.55 -9.85
N GLY B 158 -2.91 17.64 -9.11
CA GLY B 158 -2.35 18.87 -9.65
C GLY B 158 -1.57 19.59 -8.58
N GLY B 159 -1.49 20.91 -8.69
CA GLY B 159 -0.82 21.72 -7.69
C GLY B 159 0.63 21.31 -7.54
N ALA B 160 1.10 21.26 -6.30
CA ALA B 160 2.50 20.98 -6.05
C ALA B 160 2.82 19.50 -6.28
N HIS B 161 1.79 18.72 -6.64
CA HIS B 161 1.93 17.28 -6.75
C HIS B 161 2.06 16.79 -8.20
N ALA B 162 2.11 17.71 -9.14
CA ALA B 162 2.22 17.33 -10.53
C ALA B 162 2.84 18.43 -11.35
N GLY B 163 3.44 18.05 -12.47
CA GLY B 163 4.08 19.01 -13.34
C GLY B 163 3.12 19.59 -14.37
N ASN B 164 1.87 19.11 -14.35
CA ASN B 164 0.87 19.66 -15.25
C ASN B 164 0.55 21.13 -14.92
N ALA B 165 -0.33 21.75 -15.69
CA ALA B 165 -0.69 23.16 -15.47
C ALA B 165 -1.80 23.33 -14.44
N LEU B 166 -2.31 22.20 -13.95
CA LEU B 166 -3.44 22.19 -13.02
C LEU B 166 -3.10 22.82 -11.66
N ALA B 167 -3.84 23.87 -11.30
CA ALA B 167 -3.60 24.59 -10.04
C ALA B 167 -4.02 23.80 -8.79
N MET B 168 -5.19 23.17 -8.87
CA MET B 168 -5.76 22.48 -7.72
C MET B 168 -5.00 21.20 -7.41
N GLN B 169 -4.92 20.89 -6.11
CA GLN B 169 -4.13 19.77 -5.65
C GLN B 169 -4.73 18.43 -6.03
N GLU B 170 -6.04 18.30 -5.90
CA GLU B 170 -6.66 17.05 -6.31
C GLU B 170 -8.14 17.14 -6.67
N PHE B 171 -8.56 16.22 -7.52
CA PHE B 171 -9.96 16.00 -7.84
C PHE B 171 -10.33 14.61 -7.39
N MET B 172 -11.46 14.49 -6.71
CA MET B 172 -11.91 13.22 -6.18
C MET B 172 -13.26 12.82 -6.78
N ILE B 173 -13.54 11.53 -6.84
CA ILE B 173 -14.89 11.09 -7.18
C ILE B 173 -15.58 10.53 -5.93
N CYS B 174 -16.86 10.86 -5.76
CA CYS B 174 -17.61 10.44 -4.58
C CYS B 174 -18.94 9.82 -4.99
N PRO B 175 -19.10 8.50 -4.79
CA PRO B 175 -20.31 7.78 -5.19
C PRO B 175 -21.47 8.05 -4.24
N THR B 176 -21.93 9.28 -4.22
CA THR B 176 -23.07 9.67 -3.39
C THR B 176 -24.35 8.91 -3.76
N GLY B 177 -24.40 8.37 -4.97
CA GLY B 177 -25.59 7.69 -5.44
C GLY B 177 -25.58 6.17 -5.24
N ALA B 178 -24.52 5.65 -4.65
CA ALA B 178 -24.49 4.22 -4.31
C ALA B 178 -25.54 3.96 -3.24
N THR B 179 -25.92 2.70 -3.07
CA THR B 179 -26.92 2.35 -2.06
C THR B 179 -26.29 1.77 -0.80
N ASN B 180 -25.03 1.36 -0.91
CA ASN B 180 -24.29 0.85 0.25
C ASN B 180 -22.80 1.03 0.01
N PHE B 181 -21.99 0.71 1.01
CA PHE B 181 -20.57 0.96 0.89
C PHE B 181 -19.84 0.03 -0.08
N HIS B 182 -20.16 -1.26 -0.05
CA HIS B 182 -19.55 -2.23 -0.99
CA HIS B 182 -19.45 -2.15 -0.98
C HIS B 182 -19.76 -1.78 -2.43
N GLU B 183 -20.98 -1.32 -2.71
CA GLU B 183 -21.35 -0.82 -4.03
C GLU B 183 -20.63 0.48 -4.37
N ALA B 184 -20.54 1.38 -3.39
CA ALA B 184 -19.80 2.63 -3.58
C ALA B 184 -18.34 2.35 -3.98
N LEU B 185 -17.69 1.43 -3.29
CA LEU B 185 -16.30 1.09 -3.62
C LEU B 185 -16.21 0.51 -5.02
N ARG B 186 -17.15 -0.38 -5.36
CA ARG B 186 -17.12 -0.99 -6.69
C ARG B 186 -17.28 0.07 -7.78
N MET B 187 -18.23 0.99 -7.58
CA MET B 187 -18.46 2.06 -8.56
C MET B 187 -17.20 2.87 -8.80
N ALA B 188 -16.51 3.21 -7.71
CA ALA B 188 -15.30 4.00 -7.82
C ALA B 188 -14.16 3.22 -8.47
N ALA B 189 -14.01 1.95 -8.09
CA ALA B 189 -12.97 1.12 -8.68
C ALA B 189 -13.17 0.97 -10.18
N GLU B 190 -14.41 0.74 -10.60
CA GLU B 190 -14.72 0.61 -12.03
C GLU B 190 -14.44 1.92 -12.76
N THR B 191 -14.81 3.04 -12.14
CA THR B 191 -14.62 4.36 -12.74
C THR B 191 -13.12 4.68 -12.83
N TYR B 192 -12.40 4.32 -11.78
CA TYR B 192 -10.94 4.46 -11.76
C TYR B 192 -10.27 3.65 -12.88
N GLN B 193 -10.73 2.43 -13.13
CA GLN B 193 -10.17 1.64 -14.24
C GLN B 193 -10.54 2.23 -15.59
N CYS B 194 -11.76 2.74 -15.72
CA CYS B 194 -12.15 3.44 -16.96
C CYS B 194 -11.29 4.70 -17.18
N LEU B 195 -11.04 5.44 -16.11
CA LEU B 195 -10.16 6.61 -16.17
C LEU B 195 -8.75 6.22 -16.60
N LYS B 196 -8.24 5.11 -16.07
CA LYS B 196 -6.89 4.65 -16.45
C LYS B 196 -6.79 4.41 -17.97
N VAL B 197 -7.82 3.78 -18.52
CA VAL B 197 -7.92 3.52 -19.97
C VAL B 197 -7.95 4.81 -20.79
N VAL B 198 -8.82 5.72 -20.41
CA VAL B 198 -8.90 7.03 -21.06
C VAL B 198 -7.55 7.75 -21.00
N ILE B 199 -6.92 7.75 -19.84
CA ILE B 199 -5.64 8.43 -19.70
C ILE B 199 -4.54 7.78 -20.55
N LYS B 200 -4.51 6.46 -20.57
CA LYS B 200 -3.53 5.76 -21.41
C LYS B 200 -3.69 6.14 -22.89
N ALA B 201 -4.93 6.22 -23.36
CA ALA B 201 -5.19 6.49 -24.76
C ALA B 201 -4.79 7.91 -25.13
N LYS B 202 -5.04 8.84 -24.22
CA LYS B 202 -4.81 10.24 -24.49
C LYS B 202 -3.39 10.71 -24.16
N TYR B 203 -2.83 10.21 -23.06
CA TYR B 203 -1.54 10.72 -22.57
C TYR B 203 -0.40 9.69 -22.61
N GLY B 204 -0.72 8.45 -22.96
CA GLY B 204 0.30 7.41 -23.02
C GLY B 204 0.40 6.53 -21.77
N GLN B 205 1.06 5.39 -21.92
CA GLN B 205 1.18 4.42 -20.82
C GLN B 205 1.76 5.02 -19.54
N ASP B 206 2.87 5.76 -19.65
CA ASP B 206 3.56 6.22 -18.44
C ASP B 206 2.73 7.23 -17.65
N ALA B 207 1.72 7.80 -18.32
CA ALA B 207 0.78 8.69 -17.66
C ALA B 207 -0.16 7.97 -16.70
N THR B 208 -0.12 6.62 -16.68
CA THR B 208 -0.91 5.87 -15.70
C THR B 208 -0.12 5.41 -14.48
N ASN B 209 1.14 5.81 -14.36
CA ASN B 209 1.82 5.65 -13.08
C ASN B 209 1.14 6.54 -12.05
N VAL B 210 1.27 6.22 -10.76
CA VAL B 210 0.42 6.88 -9.77
C VAL B 210 1.15 7.78 -8.78
N GLY B 211 0.43 8.76 -8.24
CA GLY B 211 0.94 9.60 -7.18
C GLY B 211 0.87 8.94 -5.81
N ASP B 212 1.23 9.70 -4.78
CA ASP B 212 1.29 9.21 -3.40
C ASP B 212 -0.02 8.56 -2.95
N GLU B 213 -1.14 9.07 -3.44
CA GLU B 213 -2.44 8.60 -2.97
C GLU B 213 -3.13 7.66 -3.97
N GLY B 214 -2.44 7.32 -5.06
CA GLY B 214 -2.94 6.31 -5.98
C GLY B 214 -3.62 6.86 -7.22
N GLY B 215 -3.70 8.18 -7.32
CA GLY B 215 -4.36 8.84 -8.44
C GLY B 215 -3.38 9.16 -9.57
N PHE B 216 -3.91 9.67 -10.68
CA PHE B 216 -3.09 9.96 -11.85
C PHE B 216 -2.74 11.44 -11.97
N ALA B 217 -1.64 11.73 -12.66
CA ALA B 217 -1.23 13.11 -12.90
C ALA B 217 -1.05 13.41 -14.38
N PRO B 218 -2.11 13.21 -15.17
CA PRO B 218 -1.96 13.48 -16.60
C PRO B 218 -1.64 14.97 -16.87
N ASN B 219 -0.99 15.23 -18.00
CA ASN B 219 -0.61 16.60 -18.33
C ASN B 219 -1.78 17.43 -18.87
N VAL B 220 -2.76 17.72 -18.03
CA VAL B 220 -3.92 18.50 -18.44
C VAL B 220 -3.60 20.00 -18.47
N SER B 221 -4.40 20.75 -19.21
CA SER B 221 -4.19 22.19 -19.41
C SER B 221 -4.78 23.02 -18.28
N GLY B 222 -5.72 22.43 -17.54
CA GLY B 222 -6.36 23.14 -16.45
C GLY B 222 -7.50 22.33 -15.87
N ALA B 223 -8.31 22.94 -15.01
CA ALA B 223 -9.35 22.20 -14.32
C ALA B 223 -10.41 21.64 -15.27
N ARG B 224 -10.74 22.39 -16.32
CA ARG B 224 -11.81 21.94 -17.20
C ARG B 224 -11.44 20.64 -17.92
N GLU B 225 -10.19 20.54 -18.35
CA GLU B 225 -9.71 19.33 -18.99
C GLU B 225 -9.72 18.16 -17.98
N ALA B 226 -9.34 18.44 -16.73
CA ALA B 226 -9.35 17.40 -15.69
C ALA B 226 -10.77 16.92 -15.41
N LEU B 227 -11.68 17.87 -15.25
CA LEU B 227 -13.08 17.54 -14.99
C LEU B 227 -13.72 16.77 -16.15
N ASP B 228 -13.36 17.15 -17.38
CA ASP B 228 -13.87 16.43 -18.55
C ASP B 228 -13.49 14.96 -18.47
N LEU B 229 -12.28 14.69 -17.99
CA LEU B 229 -11.77 13.31 -17.88
C LEU B 229 -12.61 12.50 -16.90
N LEU B 230 -12.97 13.13 -15.78
CA LEU B 230 -13.81 12.49 -14.78
C LEU B 230 -15.22 12.21 -15.31
N VAL B 231 -15.81 13.18 -15.99
CA VAL B 231 -17.12 12.97 -16.60
C VAL B 231 -17.04 11.81 -17.61
N GLU B 232 -15.96 11.79 -18.38
CA GLU B 232 -15.77 10.75 -19.38
C GLU B 232 -15.65 9.36 -18.75
N ALA B 233 -14.86 9.26 -17.68
CA ALA B 233 -14.67 7.99 -16.96
C ALA B 233 -15.95 7.51 -16.29
N ILE B 234 -16.63 8.44 -15.61
CA ILE B 234 -17.89 8.11 -14.97
C ILE B 234 -18.89 7.63 -16.03
N ALA B 235 -18.87 8.27 -17.19
CA ALA B 235 -19.81 7.91 -18.24
C ALA B 235 -19.49 6.52 -18.83
N LYS B 236 -18.21 6.24 -19.01
CA LYS B 236 -17.80 4.94 -19.50
C LYS B 236 -18.20 3.86 -18.50
N ALA B 237 -18.13 4.19 -17.22
CA ALA B 237 -18.46 3.23 -16.17
C ALA B 237 -19.97 3.06 -16.02
N GLY B 238 -20.73 4.00 -16.59
CA GLY B 238 -22.18 3.93 -16.59
C GLY B 238 -22.87 4.50 -15.36
N TYR B 239 -22.17 5.40 -14.65
CA TYR B 239 -22.67 5.87 -13.35
C TYR B 239 -22.96 7.37 -13.33
N THR B 240 -23.22 7.95 -14.50
CA THR B 240 -23.54 9.37 -14.57
C THR B 240 -24.76 9.67 -13.69
N GLY B 241 -24.63 10.69 -12.84
CA GLY B 241 -25.70 11.05 -11.92
C GLY B 241 -25.61 10.36 -10.57
N LYS B 242 -24.69 9.40 -10.43
CA LYS B 242 -24.57 8.67 -9.16
C LYS B 242 -23.20 8.86 -8.52
N ILE B 243 -22.30 9.53 -9.26
CA ILE B 243 -20.98 9.88 -8.74
C ILE B 243 -20.82 11.40 -8.86
N GLU B 244 -20.39 12.04 -7.78
CA GLU B 244 -20.11 13.48 -7.84
C GLU B 244 -18.63 13.72 -7.66
N ILE B 245 -18.23 14.98 -7.79
CA ILE B 245 -16.83 15.34 -7.81
C ILE B 245 -16.52 16.25 -6.63
N ALA B 246 -15.40 16.00 -5.96
CA ALA B 246 -14.94 16.87 -4.90
C ALA B 246 -13.61 17.44 -5.36
N MET B 247 -13.37 18.69 -5.02
CA MET B 247 -12.16 19.38 -5.41
CA MET B 247 -12.12 19.34 -5.37
C MET B 247 -11.40 19.80 -4.13
N ASP B 248 -10.08 19.59 -4.12
CA ASP B 248 -9.25 20.14 -3.06
C ASP B 248 -8.31 21.08 -3.76
N CYS B 249 -8.56 22.37 -3.59
CA CYS B 249 -7.77 23.39 -4.26
C CYS B 249 -6.42 23.61 -3.59
N ALA B 250 -6.37 23.42 -2.27
CA ALA B 250 -5.17 23.71 -1.50
C ALA B 250 -4.68 25.11 -1.87
N ALA B 251 -5.60 26.08 -1.83
CA ALA B 251 -5.34 27.40 -2.40
C ALA B 251 -4.17 28.19 -1.80
N SER B 252 -3.78 27.91 -0.56
CA SER B 252 -2.59 28.54 0.03
C SER B 252 -1.37 28.38 -0.91
N GLU B 253 -1.32 27.26 -1.61
CA GLU B 253 -0.22 26.95 -2.53
C GLU B 253 -0.04 27.96 -3.66
N PHE B 254 -1.11 28.59 -4.10
CA PHE B 254 -1.01 29.54 -5.21
C PHE B 254 -1.47 30.95 -4.86
N TYR B 255 -1.43 31.25 -3.57
CA TYR B 255 -1.84 32.55 -3.05
C TYR B 255 -0.64 33.47 -2.86
N ASN B 256 -0.80 34.73 -3.26
CA ASN B 256 0.21 35.75 -3.02
C ASN B 256 -0.29 36.70 -1.94
N GLU B 257 0.19 36.52 -0.71
CA GLU B 257 -0.28 37.31 0.43
C GLU B 257 -0.17 38.82 0.20
N GLU B 258 0.92 39.23 -0.43
CA GLU B 258 1.19 40.66 -0.64
C GLU B 258 0.22 41.30 -1.62
N THR B 259 -0.03 40.63 -2.74
CA THR B 259 -0.90 41.18 -3.78
C THR B 259 -2.35 40.74 -3.64
N LYS B 260 -2.61 39.79 -2.74
CA LYS B 260 -3.96 39.28 -2.55
C LYS B 260 -4.46 38.54 -3.79
N LYS B 261 -3.54 38.00 -4.58
CA LYS B 261 -3.90 37.34 -5.83
C LYS B 261 -3.72 35.82 -5.76
N TYR B 262 -4.59 35.10 -6.48
CA TYR B 262 -4.51 33.64 -6.57
C TYR B 262 -4.12 33.30 -8.00
N ASP B 263 -2.96 32.69 -8.17
CA ASP B 263 -2.46 32.41 -9.52
C ASP B 263 -2.77 30.99 -9.97
N LEU B 264 -3.77 30.86 -10.85
CA LEU B 264 -4.19 29.55 -11.35
C LEU B 264 -3.27 29.01 -12.43
N GLY B 265 -2.24 29.78 -12.77
CA GLY B 265 -1.33 29.39 -13.84
C GLY B 265 0.10 29.42 -13.37
N LYS B 266 0.28 29.18 -12.09
CA LYS B 266 1.58 29.23 -11.44
C LYS B 266 2.61 28.38 -12.20
N LYS B 267 2.15 27.28 -12.79
CA LYS B 267 3.06 26.33 -13.42
C LYS B 267 3.19 26.49 -14.93
N ILE B 268 2.59 27.55 -15.46
CA ILE B 268 2.52 27.76 -16.90
C ILE B 268 3.57 28.76 -17.36
N PRO B 269 4.35 28.39 -18.39
CA PRO B 269 5.40 29.26 -18.92
C PRO B 269 4.84 30.62 -19.35
N ALA B 270 5.59 31.69 -19.05
CA ALA B 270 5.15 33.05 -19.33
C ALA B 270 4.48 33.24 -20.70
N ASP B 271 5.07 32.68 -21.75
CA ASP B 271 4.57 32.93 -23.11
C ASP B 271 3.34 32.10 -23.47
N LYS B 272 2.92 31.23 -22.56
CA LYS B 272 1.75 30.41 -22.79
C LYS B 272 0.69 30.71 -21.73
N LYS B 273 1.02 31.64 -20.83
CA LYS B 273 0.18 31.94 -19.68
C LYS B 273 -0.86 33.01 -19.92
N ASP B 274 -2.13 32.61 -19.87
CA ASP B 274 -3.24 33.53 -19.97
C ASP B 274 -3.24 34.43 -18.73
N PRO B 275 -3.14 35.75 -18.92
CA PRO B 275 -3.05 36.64 -17.76
C PRO B 275 -4.32 36.60 -16.91
N SER B 276 -5.42 36.12 -17.50
CA SER B 276 -6.69 36.02 -16.78
C SER B 276 -6.59 35.02 -15.63
N LEU B 277 -5.54 34.19 -15.64
CA LEU B 277 -5.36 33.15 -14.64
C LEU B 277 -4.94 33.70 -13.28
N VAL B 278 -4.43 34.94 -13.25
CA VAL B 278 -4.10 35.56 -11.98
C VAL B 278 -5.35 36.29 -11.49
N LYS B 279 -5.94 35.79 -10.40
CA LYS B 279 -7.28 36.20 -9.98
C LYS B 279 -7.28 36.90 -8.64
N ASP B 280 -8.13 37.92 -8.49
CA ASP B 280 -8.52 38.36 -7.16
C ASP B 280 -9.61 37.43 -6.62
N VAL B 281 -10.00 37.61 -5.36
CA VAL B 281 -10.99 36.74 -4.74
C VAL B 281 -12.27 36.62 -5.57
N ASP B 282 -12.81 37.74 -6.02
CA ASP B 282 -14.02 37.68 -6.83
C ASP B 282 -13.82 36.86 -8.10
N GLY B 283 -12.66 37.00 -8.73
CA GLY B 283 -12.39 36.29 -9.97
C GLY B 283 -12.23 34.80 -9.72
N LEU B 284 -11.59 34.47 -8.60
CA LEU B 284 -11.45 33.06 -8.23
C LEU B 284 -12.80 32.46 -7.89
N ILE B 285 -13.62 33.21 -7.16
CA ILE B 285 -14.96 32.76 -6.86
C ILE B 285 -15.74 32.45 -8.13
N ALA B 286 -15.64 33.35 -9.11
CA ALA B 286 -16.38 33.18 -10.36
C ALA B 286 -15.90 31.94 -11.09
N GLU B 287 -14.60 31.67 -10.99
CA GLU B 287 -14.05 30.46 -11.60
C GLU B 287 -14.69 29.20 -10.96
N TYR B 288 -14.72 29.16 -9.63
CA TYR B 288 -15.33 28.02 -8.93
C TYR B 288 -16.80 27.87 -9.28
N VAL B 289 -17.51 29.00 -9.35
CA VAL B 289 -18.92 28.97 -9.71
C VAL B 289 -19.09 28.43 -11.13
N ASP B 290 -18.20 28.82 -12.02
CA ASP B 290 -18.27 28.32 -13.39
C ASP B 290 -18.09 26.80 -13.43
N TYR B 291 -17.13 26.29 -12.66
CA TYR B 291 -16.90 24.84 -12.61
C TYR B 291 -18.18 24.17 -12.14
N GLY B 292 -18.74 24.72 -11.06
CA GLY B 292 -19.98 24.21 -10.50
C GLY B 292 -21.15 24.14 -11.45
N LYS B 293 -21.23 25.10 -12.37
CA LYS B 293 -22.31 25.13 -13.35
C LYS B 293 -22.16 24.04 -14.40
N HIS B 294 -20.92 23.67 -14.70
CA HIS B 294 -20.65 22.77 -15.83
C HIS B 294 -20.32 21.33 -15.43
N TYR B 295 -20.14 21.11 -14.14
CA TYR B 295 -19.73 19.80 -13.66
C TYR B 295 -20.41 19.50 -12.33
N PRO B 296 -20.60 18.21 -12.03
CA PRO B 296 -21.27 17.80 -10.80
C PRO B 296 -20.32 17.91 -9.59
N ILE B 297 -19.87 19.12 -9.30
CA ILE B 297 -19.00 19.37 -8.15
C ILE B 297 -19.82 19.63 -6.91
N ALA B 298 -19.67 18.76 -5.91
CA ALA B 298 -20.49 18.82 -4.72
C ALA B 298 -19.74 19.53 -3.61
N SER B 299 -18.42 19.49 -3.67
CA SER B 299 -17.60 19.88 -2.52
C SER B 299 -16.30 20.52 -2.96
N ILE B 300 -15.87 21.54 -2.23
CA ILE B 300 -14.61 22.23 -2.51
C ILE B 300 -13.86 22.43 -1.21
N GLU B 301 -12.63 21.93 -1.16
CA GLU B 301 -11.79 22.01 0.02
C GLU B 301 -10.71 23.07 -0.15
N ASP B 302 -10.44 23.83 0.91
CA ASP B 302 -9.48 24.93 0.87
C ASP B 302 -9.53 25.79 -0.41
N PRO B 303 -10.73 26.29 -0.77
CA PRO B 303 -10.87 27.14 -1.94
C PRO B 303 -10.04 28.43 -1.82
N PHE B 304 -9.69 28.83 -0.61
CA PHE B 304 -8.90 30.05 -0.38
C PHE B 304 -7.82 29.76 0.65
N ALA B 305 -6.91 30.71 0.81
CA ALA B 305 -5.72 30.54 1.64
C ALA B 305 -6.06 30.38 3.12
N GLU B 306 -5.13 29.82 3.87
CA GLU B 306 -5.41 29.34 5.24
C GLU B 306 -5.78 30.44 6.23
N ASP B 307 -5.59 31.69 5.85
CA ASP B 307 -6.01 32.79 6.71
C ASP B 307 -6.72 33.91 5.97
N ASP B 308 -7.30 33.59 4.81
CA ASP B 308 -8.06 34.57 4.04
C ASP B 308 -9.51 34.53 4.51
N TRP B 309 -9.74 34.83 5.79
CA TRP B 309 -11.07 34.66 6.37
C TRP B 309 -12.19 35.35 5.61
N ALA B 310 -11.91 36.53 5.06
CA ALA B 310 -12.95 37.28 4.38
C ALA B 310 -13.43 36.57 3.13
N ALA B 311 -12.48 36.00 2.37
CA ALA B 311 -12.80 35.21 1.19
C ALA B 311 -13.67 33.98 1.54
N TRP B 312 -13.25 33.26 2.57
CA TRP B 312 -14.00 32.08 2.99
C TRP B 312 -15.44 32.44 3.35
N ASN B 313 -15.60 33.48 4.16
CA ASN B 313 -16.94 33.93 4.57
C ASN B 313 -17.81 34.32 3.37
N LYS B 314 -17.26 35.12 2.47
CA LYS B 314 -18.02 35.55 1.29
C LYS B 314 -18.50 34.34 0.50
N PHE B 315 -17.58 33.41 0.24
CA PHE B 315 -17.95 32.22 -0.53
C PHE B 315 -19.05 31.44 0.20
N THR B 316 -18.89 31.30 1.51
CA THR B 316 -19.81 30.50 2.31
C THR B 316 -21.22 31.06 2.34
N VAL B 317 -21.37 32.38 2.49
CA VAL B 317 -22.72 32.95 2.56
C VAL B 317 -23.27 33.23 1.15
N GLU B 318 -22.39 33.48 0.17
CA GLU B 318 -22.88 33.74 -1.18
C GLU B 318 -22.99 32.50 -2.07
N HIS B 319 -22.39 31.40 -1.66
CA HIS B 319 -22.43 30.19 -2.47
C HIS B 319 -22.51 28.96 -1.58
N GLY B 320 -23.44 28.99 -0.63
CA GLY B 320 -23.61 27.94 0.35
C GLY B 320 -24.18 26.65 -0.19
N ASN B 321 -24.52 26.63 -1.47
CA ASN B 321 -24.93 25.40 -2.14
C ASN B 321 -23.78 24.37 -2.23
N PHE B 322 -22.54 24.86 -2.11
CA PHE B 322 -21.38 23.96 -2.10
C PHE B 322 -21.12 23.52 -0.68
N GLN B 323 -20.66 22.28 -0.51
CA GLN B 323 -19.95 21.90 0.71
C GLN B 323 -18.59 22.58 0.65
N ILE B 324 -18.25 23.32 1.70
CA ILE B 324 -17.03 24.14 1.71
C ILE B 324 -16.18 23.67 2.89
N VAL B 325 -15.09 22.98 2.58
CA VAL B 325 -14.35 22.22 3.59
C VAL B 325 -13.08 22.94 4.04
N GLY B 326 -12.97 23.20 5.34
CA GLY B 326 -11.72 23.72 5.87
C GLY B 326 -10.72 22.60 6.13
N ASP B 327 -9.52 22.75 5.58
CA ASP B 327 -8.43 21.80 5.84
C ASP B 327 -7.26 22.59 6.41
N ASP B 328 -6.43 23.16 5.56
CA ASP B 328 -5.34 24.02 6.04
C ASP B 328 -5.90 25.16 6.90
N LEU B 329 -7.17 25.49 6.68
CA LEU B 329 -7.83 26.57 7.42
C LEU B 329 -8.00 26.21 8.90
N LEU B 330 -8.24 24.94 9.16
CA LEU B 330 -8.71 24.49 10.47
C LEU B 330 -7.73 23.58 11.20
N VAL B 331 -6.94 22.83 10.43
CA VAL B 331 -6.00 21.84 11.00
C VAL B 331 -6.52 21.00 12.16
N THR B 332 -7.78 20.55 12.06
CA THR B 332 -8.40 19.68 13.06
C THR B 332 -8.33 20.26 14.48
N ASN B 333 -8.12 21.57 14.56
CA ASN B 333 -7.87 22.27 15.81
C ASN B 333 -9.10 23.04 16.31
N PRO B 334 -9.65 22.63 17.46
CA PRO B 334 -10.88 23.21 18.03
C PRO B 334 -10.90 24.75 18.09
N ALA B 335 -9.77 25.39 18.38
CA ALA B 335 -9.71 26.85 18.43
C ALA B 335 -9.88 27.46 17.05
N ARG B 336 -9.35 26.79 16.02
CA ARG B 336 -9.53 27.27 14.65
C ARG B 336 -10.98 27.02 14.23
N VAL B 337 -11.52 25.89 14.62
CA VAL B 337 -12.90 25.59 14.31
C VAL B 337 -13.81 26.63 14.95
N GLN B 338 -13.50 27.03 16.17
CA GLN B 338 -14.34 28.03 16.82
C GLN B 338 -14.31 29.35 16.03
N MET B 339 -13.13 29.75 15.58
CA MET B 339 -12.98 30.97 14.78
C MET B 339 -13.82 30.88 13.51
N ALA B 340 -13.72 29.76 12.82
CA ALA B 340 -14.45 29.59 11.58
C ALA B 340 -15.96 29.64 11.81
N MET B 341 -16.42 29.13 12.94
CA MET B 341 -17.84 29.14 13.26
C MET B 341 -18.34 30.55 13.56
N ASP B 342 -17.59 31.28 14.39
CA ASP B 342 -17.92 32.68 14.67
C ASP B 342 -17.96 33.49 13.37
N LYS B 343 -16.95 33.33 12.54
CA LYS B 343 -16.84 34.07 11.30
C LYS B 343 -17.72 33.50 10.18
N ASN B 344 -18.38 32.36 10.43
CA ASN B 344 -19.15 31.66 9.41
C ASN B 344 -18.33 31.48 8.13
N ALA B 345 -17.17 30.85 8.26
CA ALA B 345 -16.18 30.78 7.18
C ALA B 345 -16.27 29.51 6.32
N CYS B 346 -16.96 28.49 6.81
CA CYS B 346 -17.10 27.27 6.03
C CYS B 346 -18.27 26.46 6.55
N ASN B 347 -18.49 25.27 6.03
CA ASN B 347 -19.60 24.48 6.51
C ASN B 347 -19.26 22.99 6.66
N SER B 348 -17.96 22.71 6.69
CA SER B 348 -17.48 21.33 6.73
C SER B 348 -16.04 21.36 7.21
N VAL B 349 -15.61 20.31 7.92
CA VAL B 349 -14.25 20.23 8.42
C VAL B 349 -13.61 18.89 8.07
N LEU B 350 -12.33 18.92 7.73
CA LEU B 350 -11.57 17.72 7.45
C LEU B 350 -11.01 17.27 8.79
N ILE B 351 -11.03 15.96 9.06
CA ILE B 351 -10.45 15.43 10.30
C ILE B 351 -9.16 14.65 10.01
N LYS B 352 -8.02 15.24 10.39
CA LYS B 352 -6.73 14.57 10.31
C LYS B 352 -6.19 14.40 11.73
N VAL B 353 -6.40 13.22 12.31
CA VAL B 353 -6.07 13.00 13.71
C VAL B 353 -4.64 13.45 14.08
N ASN B 354 -3.65 13.11 13.26
CA ASN B 354 -2.27 13.42 13.61
C ASN B 354 -1.98 14.92 13.58
N GLN B 355 -2.93 15.68 13.07
CA GLN B 355 -2.83 17.13 13.00
C GLN B 355 -3.08 17.79 14.35
N ILE B 356 -3.83 17.10 15.20
CA ILE B 356 -4.15 17.60 16.54
C ILE B 356 -3.42 16.77 17.60
N GLY B 357 -3.31 15.46 17.38
CA GLY B 357 -2.39 14.66 18.19
C GLY B 357 -2.95 13.77 19.29
N THR B 358 -4.19 14.00 19.73
CA THR B 358 -4.85 13.04 20.61
C THR B 358 -6.24 12.73 20.09
N LEU B 359 -6.75 11.56 20.46
CA LEU B 359 -8.11 11.20 20.16
C LEU B 359 -9.12 12.10 20.91
N THR B 360 -8.81 12.43 22.17
CA THR B 360 -9.72 13.26 22.94
C THR B 360 -9.99 14.62 22.26
N GLU B 361 -8.94 15.29 21.80
CA GLU B 361 -9.10 16.56 21.11
C GLU B 361 -9.82 16.38 19.78
N THR B 362 -9.55 15.27 19.10
CA THR B 362 -10.23 14.97 17.84
C THR B 362 -11.73 14.86 18.04
N PHE B 363 -12.14 14.16 19.10
CA PHE B 363 -13.56 14.01 19.41
C PHE B 363 -14.22 15.37 19.62
N LYS B 364 -13.50 16.27 20.29
CA LYS B 364 -14.01 17.62 20.55
C LYS B 364 -14.21 18.39 19.25
N THR B 365 -13.23 18.32 18.36
CA THR B 365 -13.35 18.99 17.06
C THR B 365 -14.60 18.49 16.34
N ILE B 366 -14.78 17.17 16.31
CA ILE B 366 -15.93 16.57 15.65
C ILE B 366 -17.26 16.95 16.31
N LYS B 367 -17.27 17.00 17.64
CA LYS B 367 -18.47 17.40 18.36
C LYS B 367 -18.90 18.83 17.98
N MET B 368 -17.96 19.75 18.02
CA MET B 368 -18.23 21.14 17.63
C MET B 368 -18.89 21.19 16.25
N ALA B 369 -18.26 20.53 15.28
CA ALA B 369 -18.78 20.49 13.91
C ALA B 369 -20.18 19.88 13.86
N GLN B 370 -20.37 18.78 14.55
CA GLN B 370 -21.66 18.09 14.44
C GLN B 370 -22.79 18.91 15.09
N GLU B 371 -22.46 19.61 16.16
CA GLU B 371 -23.47 20.43 16.85
C GLU B 371 -23.95 21.59 15.97
N LYS B 372 -23.06 22.08 15.11
CA LYS B 372 -23.37 23.15 14.18
C LYS B 372 -24.03 22.65 12.90
N GLY B 373 -24.09 21.34 12.71
CA GLY B 373 -24.63 20.79 11.48
C GLY B 373 -23.66 20.90 10.31
N TRP B 374 -22.36 21.00 10.60
CA TRP B 374 -21.34 21.02 9.57
C TRP B 374 -21.09 19.62 9.03
N GLY B 375 -20.52 19.54 7.84
CA GLY B 375 -20.00 18.28 7.32
C GLY B 375 -18.74 17.91 8.10
N VAL B 376 -18.43 16.62 8.14
CA VAL B 376 -17.19 16.15 8.77
C VAL B 376 -16.62 15.04 7.89
N MET B 377 -15.40 15.21 7.41
CA MET B 377 -14.81 14.24 6.51
C MET B 377 -13.49 13.73 7.09
N ALA B 378 -13.50 12.47 7.52
CA ALA B 378 -12.27 11.87 8.04
C ALA B 378 -11.28 11.80 6.88
N SER B 379 -9.99 11.97 7.17
CA SER B 379 -9.00 12.05 6.10
C SER B 379 -7.70 11.30 6.36
N HIS B 380 -7.17 10.69 5.29
CA HIS B 380 -5.83 10.14 5.32
C HIS B 380 -4.78 11.24 5.26
N ARG B 381 -3.51 10.86 5.36
CA ARG B 381 -2.40 11.74 5.02
C ARG B 381 -1.70 11.16 3.79
N SER B 382 -0.85 11.96 3.15
CA SER B 382 -0.13 11.52 1.96
CA SER B 382 -0.11 11.54 1.97
C SER B 382 0.77 10.34 2.30
N GLY B 383 1.38 10.37 3.47
CA GLY B 383 2.17 9.26 3.97
C GLY B 383 1.32 8.43 4.92
N GLU B 384 0.75 7.36 4.40
CA GLU B 384 -0.16 6.52 5.18
C GLU B 384 0.55 5.26 5.60
N THR B 385 -0.17 4.39 6.31
CA THR B 385 0.40 3.11 6.75
C THR B 385 -0.66 2.04 6.57
N GLU B 386 -0.32 0.82 6.96
CA GLU B 386 -1.27 -0.30 6.92
C GLU B 386 -2.29 -0.26 8.09
N ASP B 387 -2.22 0.79 8.91
CA ASP B 387 -3.19 0.99 9.99
C ASP B 387 -4.58 1.40 9.45
N THR B 388 -5.65 0.83 9.99
CA THR B 388 -6.98 1.11 9.46
C THR B 388 -7.85 1.92 10.41
N PHE B 389 -7.22 2.58 11.39
CA PHE B 389 -7.96 3.27 12.44
C PHE B 389 -9.07 4.17 11.93
N ILE B 390 -8.79 5.00 10.93
CA ILE B 390 -9.76 6.00 10.50
C ILE B 390 -11.05 5.39 9.93
N ALA B 391 -11.00 4.12 9.51
CA ALA B 391 -12.20 3.44 9.04
C ALA B 391 -13.17 3.27 10.20
N ASP B 392 -12.66 2.79 11.33
CA ASP B 392 -13.48 2.65 12.52
C ASP B 392 -13.91 4.02 13.04
N LEU B 393 -13.01 4.98 12.98
CA LEU B 393 -13.31 6.32 13.47
C LEU B 393 -14.47 6.95 12.70
N VAL B 394 -14.42 6.85 11.37
CA VAL B 394 -15.45 7.53 10.57
C VAL B 394 -16.84 6.95 10.83
N VAL B 395 -16.91 5.63 11.00
CA VAL B 395 -18.20 4.99 11.30
C VAL B 395 -18.67 5.28 12.73
N GLY B 396 -17.79 5.06 13.69
CA GLY B 396 -18.14 5.20 15.10
C GLY B 396 -18.60 6.59 15.48
N LEU B 397 -17.99 7.59 14.85
CA LEU B 397 -18.31 9.00 15.11
C LEU B 397 -19.41 9.51 14.18
N ASN B 398 -19.85 8.65 13.26
CA ASN B 398 -20.96 8.98 12.37
C ASN B 398 -20.68 10.22 11.51
N CYS B 399 -19.47 10.30 10.97
CA CYS B 399 -19.03 11.48 10.22
C CYS B 399 -19.70 11.58 8.85
N LYS B 400 -19.90 10.42 8.21
CA LYS B 400 -20.61 10.31 6.93
C LYS B 400 -19.80 10.59 5.66
N GLN B 401 -18.54 10.99 5.82
CA GLN B 401 -17.65 11.14 4.68
C GLN B 401 -16.25 10.73 5.05
N ILE B 402 -15.54 10.13 4.11
CA ILE B 402 -14.14 9.83 4.30
C ILE B 402 -13.41 10.01 2.98
N LYS B 403 -12.24 10.65 3.03
CA LYS B 403 -11.33 10.55 1.89
C LYS B 403 -10.07 9.84 2.32
N THR B 404 -9.79 8.70 1.69
CA THR B 404 -8.63 7.93 2.08
C THR B 404 -7.94 7.25 0.90
N GLY B 405 -8.04 7.89 -0.27
CA GLY B 405 -7.18 7.53 -1.39
C GLY B 405 -7.93 7.09 -2.64
N ALA B 406 -7.21 7.02 -3.76
CA ALA B 406 -7.71 6.30 -4.93
C ALA B 406 -7.95 4.86 -4.49
N PRO B 407 -8.73 4.08 -5.26
CA PRO B 407 -8.81 2.64 -4.99
C PRO B 407 -7.57 1.94 -5.54
N CYS B 408 -6.42 2.34 -5.02
CA CYS B 408 -5.13 1.86 -5.51
C CYS B 408 -4.08 2.17 -4.45
N ARG B 409 -3.16 1.22 -4.23
CA ARG B 409 -2.16 1.28 -3.14
C ARG B 409 -2.78 0.82 -1.81
N SER B 410 -2.25 -0.24 -1.21
CA SER B 410 -2.94 -0.83 -0.07
C SER B 410 -3.02 0.02 1.20
N GLU B 411 -2.20 1.07 1.32
CA GLU B 411 -2.37 1.96 2.47
C GLU B 411 -3.72 2.69 2.36
N ARG B 412 -4.27 2.70 1.15
CA ARG B 412 -5.61 3.22 0.88
C ARG B 412 -6.63 2.07 0.93
N LEU B 413 -6.40 1.01 0.15
CA LEU B 413 -7.35 -0.10 0.12
C LEU B 413 -7.58 -0.69 1.51
N CYS B 414 -6.55 -0.73 2.36
CA CYS B 414 -6.76 -1.35 3.68
C CYS B 414 -7.90 -0.65 4.45
N LYS B 415 -8.05 0.66 4.26
CA LYS B 415 -9.17 1.38 4.88
C LYS B 415 -10.52 0.98 4.24
N TYR B 416 -10.53 0.93 2.91
CA TYR B 416 -11.76 0.61 2.18
C TYR B 416 -12.20 -0.84 2.48
N ASN B 417 -11.23 -1.76 2.53
CA ASN B 417 -11.49 -3.13 2.94
C ASN B 417 -12.07 -3.22 4.36
N GLN B 418 -11.50 -2.47 5.29
CA GLN B 418 -12.02 -2.44 6.66
C GLN B 418 -13.46 -1.89 6.68
N LEU B 419 -13.74 -0.84 5.89
CA LEU B 419 -15.09 -0.30 5.85
C LEU B 419 -16.08 -1.35 5.35
N MET B 420 -15.71 -2.10 4.32
CA MET B 420 -16.55 -3.21 3.88
C MET B 420 -16.79 -4.23 5.00
N ARG B 421 -15.73 -4.59 5.74
CA ARG B 421 -15.90 -5.51 6.88
C ARG B 421 -16.89 -4.98 7.91
N ILE B 422 -16.75 -3.70 8.24
CA ILE B 422 -17.63 -3.08 9.23
C ILE B 422 -19.08 -3.16 8.75
N GLU B 423 -19.32 -2.83 7.49
CA GLU B 423 -20.66 -2.91 6.90
C GLU B 423 -21.21 -4.34 6.92
N GLU B 424 -20.37 -5.32 6.59
CA GLU B 424 -20.81 -6.72 6.56
C GLU B 424 -21.21 -7.15 7.96
N GLU B 425 -20.41 -6.75 8.94
CA GLU B 425 -20.60 -7.15 10.32
C GLU B 425 -21.88 -6.53 10.90
N LEU B 426 -22.15 -5.29 10.54
CA LEU B 426 -23.34 -4.62 11.06
C LEU B 426 -24.62 -5.10 10.40
N GLY B 427 -24.54 -5.46 9.11
CA GLY B 427 -25.70 -5.93 8.39
C GLY B 427 -26.58 -4.79 7.90
N ASN B 428 -27.37 -4.22 8.80
CA ASN B 428 -28.37 -3.22 8.41
C ASN B 428 -27.98 -1.78 8.72
N ILE B 429 -26.73 -1.41 8.47
CA ILE B 429 -26.32 -0.03 8.68
C ILE B 429 -26.60 0.81 7.42
N PRO B 430 -27.22 1.98 7.59
CA PRO B 430 -27.54 2.81 6.42
C PRO B 430 -26.28 3.42 5.78
N TYR B 431 -26.41 3.86 4.54
CA TYR B 431 -25.34 4.52 3.80
C TYR B 431 -25.66 6.01 3.67
N ALA B 432 -24.66 6.86 3.91
CA ALA B 432 -24.84 8.32 3.93
C ALA B 432 -25.44 8.92 2.66
N GLY B 433 -25.06 8.41 1.50
CA GLY B 433 -25.54 8.94 0.22
C GLY B 433 -25.33 10.45 0.11
N LYS B 434 -26.40 11.22 -0.13
CA LYS B 434 -26.26 12.67 -0.28
C LYS B 434 -26.37 13.45 1.04
N ASN B 435 -26.43 12.72 2.16
CA ASN B 435 -26.44 13.34 3.47
C ASN B 435 -25.04 13.53 4.04
N TRP B 436 -24.49 14.73 3.95
CA TRP B 436 -23.15 14.98 4.52
C TRP B 436 -23.18 15.74 5.85
N ARG B 437 -24.08 16.71 5.99
CA ARG B 437 -24.14 17.50 7.21
C ARG B 437 -24.34 16.63 8.46
N ASN B 438 -23.56 16.90 9.50
CA ASN B 438 -23.58 16.09 10.72
C ASN B 438 -24.56 16.55 11.81
N SER B 439 -24.69 15.72 12.84
CA SER B 439 -25.40 16.05 14.08
C SER B 439 -24.73 15.26 15.20
N THR B 440 -25.12 15.50 16.45
CA THR B 440 -24.51 14.80 17.59
C THR B 440 -25.26 13.51 17.97
N ALA B 441 -26.31 13.19 17.22
CA ALA B 441 -27.17 12.05 17.55
C ALA B 441 -26.40 10.73 17.67
C1 2PG C . 6.19 -10.70 -12.83
C2 2PG C . 5.76 -10.79 -11.30
C3 2PG C . 6.49 -9.70 -10.40
P 2PG C . 3.08 -10.92 -11.39
O1 2PG C . 5.57 -10.07 -13.68
O2 2PG C . 7.20 -11.34 -13.14
O3 2PG C . 5.89 -9.52 -9.13
O1P 2PG C . 4.39 -11.12 -10.89
O2P 2PG C . 2.40 -11.80 -12.18
O3P 2PG C . 2.34 -10.71 -10.17
O4P 2PG C . 3.05 -9.86 -12.27
S SO4 D . -5.05 -14.05 -16.51
O1 SO4 D . -4.41 -15.35 -16.67
O2 SO4 D . -5.78 -14.01 -15.25
O3 SO4 D . -4.03 -12.99 -16.52
O4 SO4 D . -5.98 -13.83 -17.62
S SO4 E . 5.61 -11.00 15.41
O1 SO4 E . 5.95 -12.37 15.77
O2 SO4 E . 5.15 -10.28 16.60
O3 SO4 E . 6.77 -10.32 14.86
O4 SO4 E . 4.53 -11.01 14.42
S SO4 F . 19.97 1.67 11.36
O1 SO4 F . 20.05 0.85 12.57
O2 SO4 F . 20.48 3.00 11.69
O3 SO4 F . 20.79 1.06 10.31
O4 SO4 F . 18.58 1.75 10.92
MG MG G . 9.21 -11.66 -13.02
C1 2PG H . -4.55 16.83 1.79
C2 2PG H . -4.26 15.41 2.35
C3 2PG H . -4.42 14.19 1.32
P 2PG H . -1.88 15.78 3.07
O1 2PG H . -5.74 17.17 1.78
O2 2PG H . -3.57 17.57 1.55
O3 2PG H . -5.48 14.14 0.36
O1P 2PG H . -3.10 15.33 3.21
O2P 2PG H . -1.26 15.94 1.78
O3P 2PG H . -1.66 16.79 3.95
O4P 2PG H . -0.90 14.91 3.92
S SO4 I . -3.06 27.60 18.40
O1 SO4 I . -2.63 28.07 19.71
O2 SO4 I . -4.46 27.96 18.17
O3 SO4 I . -2.22 28.21 17.37
O4 SO4 I . -2.91 26.14 18.33
S SO4 J . -21.04 29.39 19.47
O1 SO4 J . -20.28 28.61 18.50
O2 SO4 J . -20.83 28.83 20.80
O3 SO4 J . -20.57 30.78 19.46
O4 SO4 J . -22.46 29.35 19.13
S SO4 K . -21.89 -5.23 -5.36
O1 SO4 K . -22.03 -6.01 -6.58
O2 SO4 K . -22.85 -5.74 -4.39
O3 SO4 K . -20.52 -5.29 -4.80
O4 SO4 K . -22.20 -3.83 -5.62
MG MG L . -5.72 19.42 1.46
#